data_5NIT
#
_entry.id   5NIT
#
_cell.length_a   128.657
_cell.length_b   128.657
_cell.length_c   77.693
_cell.angle_alpha   90.00
_cell.angle_beta   90.00
_cell.angle_gamma   120.00
#
_symmetry.space_group_name_H-M   'P 32 2 1'
#
loop_
_entity.id
_entity.type
_entity.pdbx_description
1 polymer 'Glucose oxidase'
2 branched alpha-D-mannopyranose-(1-6)-beta-D-mannopyranose-(1-4)-2-acetamido-2-deoxy-beta-D-glucopyranose-(1-4)-2-acetamido-2-deoxy-beta-D-glucopyranose
3 non-polymer 'FLAVIN-ADENINE DINUCLEOTIDE'
4 non-polymer 'OXYGEN MOLECULE'
5 non-polymer 2-acetamido-2-deoxy-beta-D-glucopyranose
6 non-polymer '1,4-DIETHYLENE DIOXIDE'
7 non-polymer '4-(2-HYDROXYETHYL)-1-PIPERAZINE ETHANESULFONIC ACID'
8 water water
#
_entity_poly.entity_id   1
_entity_poly.type   'polypeptide(L)'
_entity_poly.pdbx_seq_one_letter_code
;GIEASLLTDPKDVSGRTVDYIIAGGGLVGLTTAARLTENPNISVLVIESGSYESDRGPIIEDLNAYGDIFGSSVDHAYET
VELATNNQTALVRSGNGLGGSTLVNGGTWTRPHKAQVDSWETVFGNEGWNWDNVAAYSLQAERARAPNAKQIAAGHYFNT
SCHGVNGTVHAGPRDTGDDYSPIVKALMSAVEDRGVPTKKDFGCGDPHGVSMFPNTLHEDQVRSDAAREWLLPNYQRPNL
QVLTGQYVGKVLLSQNGTTPRAVGVEFGTHKGNTHNVYAKHEVLLAAGSAVSPTILEYSGIGMKSILEPLGIDTVVDLPV
GLNLQDQTTATVRSRITSAGAGQGQAAWFATFNETFGDYSEKAHELLNTKLEQWAEEAVARGGFHNTTALLIQYENYRDW
IVNHNVAYSELFLDTAGVASFDVWDLLPFTRGYVHILDKDPYLHHFAYDPQYFLNELDLLGQAAATQLARNISNSGAMQT
YFAGETIPGDNLAYDADLSAWTEYIPYHFRPNYHGVGTCSMMPKEMGGVVDNAAKVYGVQGLRVIDGSIPPTQVSSHVMT
VFYAMALKISDAILEDYASMQ
;
_entity_poly.pdbx_strand_id   A
#
loop_
_chem_comp.id
_chem_comp.type
_chem_comp.name
_chem_comp.formula
BMA D-saccharide, beta linking beta-D-mannopyranose 'C6 H12 O6'
DIO non-polymer '1,4-DIETHYLENE DIOXIDE' 'C4 H8 O2'
EPE non-polymer '4-(2-HYDROXYETHYL)-1-PIPERAZINE ETHANESULFONIC ACID' 'C8 H18 N2 O4 S'
FAD non-polymer 'FLAVIN-ADENINE DINUCLEOTIDE' 'C27 H33 N9 O15 P2'
MAN D-saccharide, alpha linking alpha-D-mannopyranose 'C6 H12 O6'
NAG D-saccharide, beta linking 2-acetamido-2-deoxy-beta-D-glucopyranose 'C8 H15 N O6'
OXY non-polymer 'OXYGEN MOLECULE' O2
#
# COMPACT_ATOMS: atom_id res chain seq x y z
N GLY A 1 18.15 -24.13 10.53
CA GLY A 1 17.46 -23.34 9.46
C GLY A 1 17.22 -21.91 9.96
N ILE A 2 16.31 -21.21 9.30
CA ILE A 2 16.15 -19.77 9.57
C ILE A 2 15.55 -19.64 10.97
N GLU A 3 14.66 -20.54 11.32
CA GLU A 3 14.01 -20.50 12.61
C GLU A 3 14.97 -20.45 13.75
N ALA A 4 16.00 -21.26 13.67
CA ALA A 4 16.98 -21.35 14.75
C ALA A 4 17.84 -20.13 14.84
N SER A 5 17.91 -19.36 13.74
CA SER A 5 18.71 -18.13 13.69
CA SER A 5 18.70 -18.14 13.70
C SER A 5 17.97 -16.93 14.32
N LEU A 6 16.65 -17.00 14.43
CA LEU A 6 15.87 -15.80 14.79
C LEU A 6 15.95 -15.63 16.30
N LEU A 7 16.05 -14.41 16.77
CA LEU A 7 16.08 -14.12 18.18
C LEU A 7 14.64 -13.96 18.68
N THR A 8 14.41 -14.50 19.87
CA THR A 8 13.17 -14.26 20.60
C THR A 8 13.31 -13.71 22.02
N ASP A 9 14.45 -13.89 22.65
CA ASP A 9 14.68 -13.34 23.98
C ASP A 9 15.20 -11.86 23.96
N PRO A 10 14.38 -10.89 24.46
CA PRO A 10 14.90 -9.53 24.60
C PRO A 10 16.29 -9.45 25.18
N LYS A 11 16.64 -10.33 26.13
CA LYS A 11 17.98 -10.25 26.68
C LYS A 11 19.12 -10.41 25.70
N ASP A 12 18.89 -11.06 24.56
CA ASP A 12 19.92 -11.14 23.55
C ASP A 12 20.33 -9.77 22.97
N VAL A 13 19.50 -8.72 23.06
CA VAL A 13 19.89 -7.43 22.47
C VAL A 13 19.90 -6.26 23.38
N SER A 14 19.20 -6.41 24.48
CA SER A 14 18.99 -5.34 25.45
C SER A 14 20.32 -4.68 25.78
N GLY A 15 20.37 -3.35 25.67
CA GLY A 15 21.55 -2.61 26.03
C GLY A 15 22.65 -2.59 24.96
N ARG A 16 22.50 -3.37 23.87
CA ARG A 16 23.56 -3.45 22.86
C ARG A 16 23.43 -2.35 21.84
N THR A 17 24.45 -2.21 21.02
CA THR A 17 24.47 -1.23 19.94
C THR A 17 24.69 -1.92 18.62
N VAL A 18 23.89 -1.50 17.62
CA VAL A 18 24.08 -1.91 16.26
C VAL A 18 24.17 -0.65 15.40
N ASP A 19 24.54 -0.81 14.12
CA ASP A 19 24.58 0.36 13.27
C ASP A 19 23.19 0.90 12.97
N TYR A 20 22.28 0.02 12.56
CA TYR A 20 20.89 0.37 12.14
C TYR A 20 19.85 -0.49 12.85
N ILE A 21 18.82 0.15 13.38
CA ILE A 21 17.69 -0.54 13.88
C ILE A 21 16.55 -0.32 12.94
N ILE A 22 15.91 -1.44 12.54
CA ILE A 22 14.78 -1.32 11.60
C ILE A 22 13.57 -1.80 12.39
N ALA A 23 12.63 -0.89 12.62
CA ALA A 23 11.35 -1.22 13.28
C ALA A 23 10.36 -1.75 12.26
N GLY A 24 10.09 -3.06 12.29
CA GLY A 24 9.19 -3.74 11.34
C GLY A 24 9.93 -4.54 10.27
N GLY A 25 9.73 -5.89 10.26
CA GLY A 25 10.36 -6.75 9.30
C GLY A 25 9.33 -7.11 8.22
N GLY A 26 8.72 -6.08 7.65
CA GLY A 26 7.85 -6.22 6.51
C GLY A 26 8.50 -5.98 5.16
N LEU A 27 7.71 -5.47 4.21
CA LEU A 27 8.15 -5.41 2.80
C LEU A 27 9.44 -4.54 2.81
N VAL A 28 9.28 -3.30 3.21
CA VAL A 28 10.41 -2.36 3.17
C VAL A 28 11.51 -2.69 4.16
N GLY A 29 11.11 -3.05 5.38
CA GLY A 29 12.05 -3.42 6.40
C GLY A 29 13.02 -4.50 5.96
N LEU A 30 12.51 -5.63 5.43
CA LEU A 30 13.43 -6.74 5.06
C LEU A 30 14.24 -6.44 3.81
N THR A 31 13.67 -5.71 2.86
CA THR A 31 14.39 -5.34 1.66
C THR A 31 15.58 -4.47 2.06
N THR A 32 15.29 -3.46 2.89
CA THR A 32 16.31 -2.56 3.40
C THR A 32 17.36 -3.34 4.23
N ALA A 33 16.91 -4.17 5.16
CA ALA A 33 17.87 -4.99 5.96
C ALA A 33 18.88 -5.76 5.08
N ALA A 34 18.33 -6.36 4.02
CA ALA A 34 19.14 -7.15 3.05
C ALA A 34 20.15 -6.27 2.31
N ARG A 35 19.68 -5.10 1.85
CA ARG A 35 20.53 -4.21 1.09
C ARG A 35 21.69 -3.69 1.97
N LEU A 36 21.35 -3.22 3.17
CA LEU A 36 22.33 -2.68 4.11
C LEU A 36 23.36 -3.68 4.56
N THR A 37 22.94 -4.93 4.76
CA THR A 37 23.84 -5.91 5.26
C THR A 37 24.74 -6.56 4.19
N GLU A 38 24.58 -6.15 2.93
CA GLU A 38 25.50 -6.51 1.86
C GLU A 38 26.94 -6.09 2.17
N ASN A 39 27.10 -4.97 2.86
CA ASN A 39 28.40 -4.60 3.49
C ASN A 39 28.56 -5.37 4.82
N PRO A 40 29.52 -6.32 4.87
CA PRO A 40 29.70 -7.12 6.08
C PRO A 40 30.03 -6.27 7.32
N ASN A 41 30.49 -5.04 7.18
CA ASN A 41 30.80 -4.23 8.36
C ASN A 41 29.59 -3.53 8.95
N ILE A 42 28.43 -3.59 8.26
CA ILE A 42 27.19 -2.91 8.69
C ILE A 42 26.29 -3.86 9.43
N SER A 43 26.12 -3.56 10.73
CA SER A 43 25.17 -4.29 11.57
C SER A 43 23.76 -3.70 11.57
N VAL A 44 22.77 -4.61 11.40
CA VAL A 44 21.37 -4.31 11.33
C VAL A 44 20.65 -5.26 12.29
N LEU A 45 19.79 -4.68 13.12
CA LEU A 45 18.80 -5.42 13.86
C LEU A 45 17.37 -5.02 13.37
N VAL A 46 16.62 -6.05 12.98
CA VAL A 46 15.25 -5.92 12.56
C VAL A 46 14.48 -6.35 13.75
N ILE A 47 13.54 -5.51 14.19
CA ILE A 47 12.61 -5.89 15.27
C ILE A 47 11.21 -6.00 14.66
N GLU A 48 10.63 -7.22 14.75
CA GLU A 48 9.31 -7.51 14.16
C GLU A 48 8.37 -8.07 15.22
N SER A 49 7.15 -7.61 15.18
CA SER A 49 6.14 -8.05 16.11
C SER A 49 5.75 -9.51 15.95
N GLY A 50 5.68 -9.96 14.72
CA GLY A 50 5.28 -11.30 14.39
C GLY A 50 6.53 -12.17 14.24
N SER A 51 6.37 -13.29 13.54
CA SER A 51 7.44 -14.28 13.40
C SER A 51 7.54 -14.81 11.96
N TYR A 52 8.33 -15.83 11.75
CA TYR A 52 8.48 -16.40 10.44
C TYR A 52 7.28 -17.28 10.07
N GLU A 53 6.74 -17.07 8.87
CA GLU A 53 5.50 -17.70 8.44
C GLU A 53 5.61 -18.32 7.08
N SER A 54 6.76 -18.19 6.40
CA SER A 54 6.82 -18.44 4.95
C SER A 54 6.69 -19.93 4.61
N ASP A 55 6.93 -20.82 5.55
CA ASP A 55 6.84 -22.24 5.29
C ASP A 55 5.67 -22.84 6.03
N ARG A 56 4.72 -22.00 6.39
CA ARG A 56 3.52 -22.50 7.09
C ARG A 56 2.72 -23.47 6.27
N GLY A 57 2.72 -23.37 4.93
CA GLY A 57 1.75 -24.12 4.15
C GLY A 57 0.89 -23.21 3.31
N PRO A 58 -0.06 -23.78 2.58
CA PRO A 58 -0.84 -23.04 1.57
C PRO A 58 -1.50 -21.76 2.11
N ILE A 59 -1.93 -21.74 3.39
CA ILE A 59 -2.62 -20.55 3.93
C ILE A 59 -1.73 -19.31 3.74
N ILE A 60 -0.39 -19.48 3.75
CA ILE A 60 0.54 -18.41 3.38
C ILE A 60 1.04 -18.53 1.93
N GLU A 61 1.47 -19.72 1.52
CA GLU A 61 2.21 -19.89 0.27
C GLU A 61 1.41 -19.95 -1.01
N ASP A 62 0.11 -20.20 -0.90
CA ASP A 62 -0.73 -20.27 -2.10
C ASP A 62 -1.57 -19.04 -2.16
N LEU A 63 -1.36 -18.24 -3.22
CA LEU A 63 -2.12 -16.97 -3.35
C LEU A 63 -3.59 -17.22 -3.52
N ASN A 64 -3.99 -18.43 -3.98
CA ASN A 64 -5.43 -18.68 -4.20
C ASN A 64 -6.11 -18.97 -2.87
N ALA A 65 -5.35 -19.13 -1.80
CA ALA A 65 -5.97 -19.12 -0.47
C ALA A 65 -6.10 -17.75 0.14
N TYR A 66 -5.89 -16.70 -0.66
CA TYR A 66 -6.00 -15.34 -0.18
C TYR A 66 -7.24 -15.10 0.71
N GLY A 67 -7.00 -14.53 1.88
CA GLY A 67 -8.13 -14.19 2.77
C GLY A 67 -8.31 -15.20 3.87
N ASP A 68 -7.87 -16.44 3.68
CA ASP A 68 -8.10 -17.43 4.74
C ASP A 68 -7.35 -17.06 6.01
N ILE A 69 -6.23 -16.33 5.86
CA ILE A 69 -5.38 -15.95 6.96
C ILE A 69 -5.95 -14.82 7.81
N PHE A 70 -6.94 -14.13 7.26
CA PHE A 70 -7.54 -12.97 7.95
C PHE A 70 -8.15 -13.43 9.28
N GLY A 71 -7.95 -12.60 10.27
CA GLY A 71 -8.42 -12.90 11.65
C GLY A 71 -7.51 -13.70 12.51
N SER A 72 -6.38 -14.22 11.94
CA SER A 72 -5.49 -15.09 12.62
C SER A 72 -4.39 -14.23 13.27
N SER A 73 -3.39 -14.88 13.88
CA SER A 73 -2.29 -14.17 14.53
C SER A 73 -1.40 -13.49 13.48
N VAL A 74 -1.57 -13.87 12.22
CA VAL A 74 -0.81 -13.25 11.10
C VAL A 74 -1.51 -12.03 10.48
N ASP A 75 -2.63 -11.59 11.07
CA ASP A 75 -3.37 -10.42 10.66
C ASP A 75 -3.49 -9.44 11.85
N HIS A 76 -2.84 -8.27 11.78
CA HIS A 76 -3.03 -7.27 12.84
C HIS A 76 -4.49 -6.84 13.01
N ALA A 77 -5.27 -6.91 11.93
CA ALA A 77 -6.70 -6.60 12.01
C ALA A 77 -6.95 -5.26 12.76
N TYR A 78 -6.33 -4.22 12.26
CA TYR A 78 -6.43 -2.92 12.90
C TYR A 78 -7.83 -2.39 12.78
N GLU A 79 -8.40 -1.96 13.88
CA GLU A 79 -9.76 -1.43 13.80
C GLU A 79 -9.77 0.04 13.59
N THR A 80 -10.68 0.51 12.73
CA THR A 80 -10.87 1.93 12.52
C THR A 80 -11.77 2.52 13.60
N VAL A 81 -11.86 3.85 13.64
CA VAL A 81 -12.86 4.52 14.48
C VAL A 81 -14.22 4.11 13.97
N GLU A 82 -15.23 4.52 14.68
CA GLU A 82 -16.58 4.45 14.16
C GLU A 82 -16.70 5.36 13.00
N LEU A 83 -16.83 4.85 11.79
CA LEU A 83 -16.81 5.66 10.62
C LEU A 83 -18.08 6.54 10.46
N ALA A 84 -17.86 7.79 10.07
CA ALA A 84 -19.00 8.67 9.88
C ALA A 84 -19.86 8.26 8.67
N THR A 85 -19.31 7.59 7.68
CA THR A 85 -20.15 7.23 6.57
C THR A 85 -21.33 6.25 6.89
N ASN A 86 -21.13 5.35 7.87
CA ASN A 86 -22.09 4.30 8.16
C ASN A 86 -22.19 3.95 9.63
N ASN A 87 -21.55 4.72 10.51
CA ASN A 87 -21.51 4.43 11.93
C ASN A 87 -21.11 3.02 12.25
N GLN A 88 -20.13 2.52 11.55
CA GLN A 88 -19.60 1.20 11.90
C GLN A 88 -18.09 1.30 11.95
N THR A 89 -17.50 0.38 12.67
CA THR A 89 -16.08 0.11 12.73
CA THR A 89 -16.05 0.23 12.62
C THR A 89 -15.68 -0.72 11.50
N ALA A 90 -14.50 -0.51 10.94
CA ALA A 90 -13.98 -1.37 9.89
C ALA A 90 -12.70 -2.04 10.30
N LEU A 91 -12.42 -3.20 9.72
CA LEU A 91 -11.16 -3.90 9.91
C LEU A 91 -10.14 -3.67 8.79
N VAL A 92 -8.93 -3.31 9.14
CA VAL A 92 -7.87 -3.11 8.16
C VAL A 92 -6.93 -4.35 8.29
N ARG A 93 -6.94 -5.19 7.31
CA ARG A 93 -6.05 -6.35 7.27
C ARG A 93 -4.67 -5.80 7.06
N SER A 94 -3.72 -6.38 7.78
CA SER A 94 -2.33 -5.99 7.69
C SER A 94 -1.49 -7.13 8.22
N GLY A 95 -0.51 -7.55 7.47
CA GLY A 95 0.29 -8.74 7.80
C GLY A 95 1.12 -8.54 9.10
N ASN A 96 1.07 -9.56 9.97
CA ASN A 96 1.87 -9.64 11.18
C ASN A 96 2.82 -10.89 11.04
N GLY A 97 4.06 -10.59 10.71
CA GLY A 97 5.11 -11.59 10.58
C GLY A 97 6.19 -11.13 9.65
N LEU A 98 7.24 -11.92 9.53
CA LEU A 98 8.32 -11.54 8.63
C LEU A 98 7.79 -11.58 7.24
N GLY A 99 7.93 -10.44 6.56
CA GLY A 99 7.32 -10.14 5.27
C GLY A 99 6.13 -9.22 5.37
N GLY A 100 5.57 -9.04 6.58
CA GLY A 100 4.47 -8.05 6.73
C GLY A 100 3.31 -8.38 5.79
N SER A 101 2.77 -7.37 5.14
CA SER A 101 1.55 -7.56 4.33
C SER A 101 1.83 -8.38 3.08
N THR A 102 3.11 -8.60 2.71
CA THR A 102 3.39 -9.50 1.58
C THR A 102 3.01 -10.93 1.95
N LEU A 103 2.83 -11.22 3.24
CA LEU A 103 2.44 -12.59 3.65
C LEU A 103 0.95 -12.88 3.30
N VAL A 104 0.13 -11.81 3.22
CA VAL A 104 -1.34 -11.91 3.21
C VAL A 104 -1.98 -11.26 2.00
N ASN A 105 -1.18 -10.68 1.10
CA ASN A 105 -1.75 -9.84 0.06
C ASN A 105 -2.12 -10.64 -1.16
N GLY A 106 -2.65 -9.98 -2.21
CA GLY A 106 -3.12 -10.67 -3.36
C GLY A 106 -2.09 -10.98 -4.43
N GLY A 107 -0.83 -10.57 -4.19
CA GLY A 107 0.29 -10.80 -5.08
C GLY A 107 0.31 -10.02 -6.41
N THR A 108 -0.58 -9.05 -6.63
CA THR A 108 -0.70 -8.39 -7.90
C THR A 108 0.45 -7.44 -8.09
N TRP A 109 1.12 -7.49 -9.25
CA TRP A 109 2.39 -6.80 -9.50
C TRP A 109 2.16 -5.89 -10.72
N THR A 110 1.89 -4.64 -10.46
CA THR A 110 1.63 -3.63 -11.50
C THR A 110 2.28 -2.33 -11.05
N ARG A 111 2.39 -1.39 -11.98
CA ARG A 111 3.05 -0.08 -11.72
C ARG A 111 2.10 1.09 -11.97
N PRO A 112 2.41 2.29 -11.40
CA PRO A 112 1.60 3.47 -11.64
C PRO A 112 1.68 4.03 -13.04
N HIS A 113 0.94 5.12 -13.26
CA HIS A 113 1.06 5.87 -14.49
C HIS A 113 2.30 6.76 -14.27
N LYS A 114 3.11 6.85 -15.29
CA LYS A 114 4.31 7.70 -15.25
C LYS A 114 4.10 9.11 -14.72
N ALA A 115 2.97 9.76 -15.04
CA ALA A 115 2.76 11.14 -14.60
C ALA A 115 2.57 11.22 -13.10
N GLN A 116 2.12 10.13 -12.46
CA GLN A 116 1.91 10.12 -11.03
C GLN A 116 3.20 10.17 -10.30
N VAL A 117 4.11 9.24 -10.62
CA VAL A 117 5.45 9.26 -10.01
C VAL A 117 6.24 10.51 -10.41
N ASP A 118 6.11 10.96 -11.65
CA ASP A 118 6.81 12.17 -12.03
C ASP A 118 6.42 13.37 -11.10
N SER A 119 5.14 13.45 -10.75
CA SER A 119 4.61 14.53 -9.91
C SER A 119 5.17 14.49 -8.52
N TRP A 120 5.69 13.35 -8.06
CA TRP A 120 6.35 13.35 -6.72
C TRP A 120 7.58 14.32 -6.69
N GLU A 121 8.23 14.43 -7.86
CA GLU A 121 9.31 15.41 -8.08
C GLU A 121 8.79 16.77 -8.44
N THR A 122 7.95 16.86 -9.44
CA THR A 122 7.59 18.15 -10.01
C THR A 122 6.53 18.95 -9.23
N VAL A 123 5.76 18.28 -8.36
CA VAL A 123 4.68 18.95 -7.60
C VAL A 123 5.02 18.87 -6.15
N PHE A 124 5.45 17.71 -5.67
CA PHE A 124 5.84 17.55 -4.29
C PHE A 124 7.33 17.79 -3.96
N GLY A 125 8.09 18.33 -4.91
CA GLY A 125 9.49 18.73 -4.60
C GLY A 125 10.39 17.66 -4.04
N ASN A 126 10.19 16.40 -4.41
CA ASN A 126 11.11 15.34 -4.02
C ASN A 126 12.09 15.08 -5.13
N GLU A 127 13.27 15.67 -4.97
CA GLU A 127 14.25 15.71 -6.02
C GLU A 127 14.70 14.27 -6.26
N GLY A 128 14.71 13.91 -7.54
CA GLY A 128 15.13 12.61 -7.99
C GLY A 128 14.10 11.51 -7.85
N TRP A 129 12.85 11.82 -7.43
CA TRP A 129 11.84 10.80 -7.27
C TRP A 129 10.97 10.80 -8.52
N ASN A 130 11.53 10.97 -9.69
CA ASN A 130 10.74 10.85 -10.91
C ASN A 130 10.57 9.40 -11.43
N TRP A 131 9.61 9.17 -12.35
CA TRP A 131 9.40 7.81 -12.86
C TRP A 131 10.68 7.11 -13.28
N ASP A 132 11.50 7.78 -14.11
CA ASP A 132 12.67 7.06 -14.65
C ASP A 132 13.62 6.58 -13.54
N ASN A 133 13.88 7.44 -12.59
CA ASN A 133 14.80 7.10 -11.48
C ASN A 133 14.25 5.94 -10.63
N VAL A 134 12.98 6.04 -10.21
CA VAL A 134 12.38 5.03 -9.37
C VAL A 134 12.23 3.70 -10.17
N ALA A 135 11.93 3.82 -11.46
CA ALA A 135 11.72 2.66 -12.28
C ALA A 135 13.03 1.91 -12.40
N ALA A 136 14.16 2.59 -12.40
CA ALA A 136 15.43 1.87 -12.42
C ALA A 136 15.55 0.95 -11.23
N TYR A 137 15.23 1.46 -10.05
CA TYR A 137 15.22 0.66 -8.86
C TYR A 137 14.18 -0.48 -8.90
N SER A 138 13.02 -0.18 -9.42
CA SER A 138 11.98 -1.23 -9.57
C SER A 138 12.42 -2.43 -10.48
N LEU A 139 13.05 -2.07 -11.59
CA LEU A 139 13.62 -3.05 -12.50
C LEU A 139 14.70 -3.91 -11.82
N GLN A 140 15.53 -3.27 -11.06
CA GLN A 140 16.52 -3.94 -10.25
C GLN A 140 15.92 -4.93 -9.22
N ALA A 141 14.86 -4.53 -8.53
CA ALA A 141 14.24 -5.40 -7.57
C ALA A 141 13.59 -6.64 -8.23
N GLU A 142 13.13 -6.48 -9.48
CA GLU A 142 12.31 -7.42 -10.18
C GLU A 142 13.04 -8.61 -10.80
N ARG A 143 12.43 -9.79 -10.65
CA ARG A 143 12.89 -11.00 -11.32
C ARG A 143 11.67 -11.70 -11.92
N ALA A 144 11.24 -11.15 -13.05
CA ALA A 144 10.00 -11.55 -13.73
C ALA A 144 10.25 -12.65 -14.73
N ARG A 145 9.20 -13.40 -14.96
CA ARG A 145 9.17 -14.49 -15.94
C ARG A 145 8.10 -14.18 -16.96
N ALA A 146 8.45 -14.32 -18.25
CA ALA A 146 7.53 -14.13 -19.35
C ALA A 146 6.51 -15.27 -19.37
N PRO A 147 5.28 -14.99 -19.86
CA PRO A 147 4.26 -16.00 -19.98
C PRO A 147 4.52 -16.99 -21.06
N ASN A 148 3.97 -18.20 -20.91
CA ASN A 148 4.10 -19.25 -21.96
C ASN A 148 2.89 -19.12 -22.89
N ALA A 149 2.87 -19.98 -23.88
CA ALA A 149 1.83 -19.95 -24.90
C ALA A 149 0.42 -19.96 -24.29
N LYS A 150 0.19 -20.86 -23.33
CA LYS A 150 -1.12 -21.07 -22.78
C LYS A 150 -1.54 -19.78 -22.04
N GLN A 151 -0.60 -19.19 -21.32
CA GLN A 151 -0.87 -18.06 -20.48
C GLN A 151 -1.15 -16.87 -21.41
N ILE A 152 -0.40 -16.79 -22.51
CA ILE A 152 -0.70 -15.74 -23.51
C ILE A 152 -2.08 -15.93 -24.13
N ALA A 153 -2.43 -17.13 -24.51
CA ALA A 153 -3.71 -17.35 -25.12
C ALA A 153 -4.86 -16.98 -24.17
N ALA A 154 -4.61 -17.11 -22.85
CA ALA A 154 -5.62 -16.72 -21.85
C ALA A 154 -5.86 -15.22 -21.79
N GLY A 155 -4.86 -14.44 -22.23
CA GLY A 155 -4.95 -12.99 -22.26
C GLY A 155 -3.70 -12.23 -21.82
N HIS A 156 -2.62 -12.96 -21.39
CA HIS A 156 -1.40 -12.26 -20.97
C HIS A 156 -0.72 -11.51 -22.09
N TYR A 157 -0.05 -10.40 -21.73
CA TYR A 157 0.87 -9.79 -22.65
C TYR A 157 1.96 -9.18 -21.77
N PHE A 158 3.20 -9.44 -22.14
CA PHE A 158 4.38 -9.12 -21.33
C PHE A 158 5.38 -8.41 -22.23
N ASN A 159 5.63 -7.15 -21.93
CA ASN A 159 6.60 -6.39 -22.63
C ASN A 159 7.97 -6.61 -22.00
N THR A 160 8.86 -7.26 -22.74
CA THR A 160 10.20 -7.54 -22.24
C THR A 160 10.96 -6.32 -21.86
N SER A 161 10.62 -5.16 -22.41
CA SER A 161 11.30 -3.94 -22.04
C SER A 161 10.81 -3.30 -20.73
N CYS A 162 9.80 -3.84 -20.10
CA CYS A 162 9.31 -3.25 -18.90
C CYS A 162 9.46 -4.12 -17.70
N HIS A 163 10.30 -5.15 -17.78
CA HIS A 163 10.48 -6.04 -16.62
C HIS A 163 11.91 -6.45 -16.42
N GLY A 164 12.41 -6.30 -15.20
CA GLY A 164 13.71 -6.89 -14.88
C GLY A 164 13.58 -8.40 -14.73
N VAL A 165 14.65 -9.10 -15.10
CA VAL A 165 14.71 -10.55 -15.07
C VAL A 165 15.79 -11.11 -14.17
N ASN A 166 16.57 -10.25 -13.57
CA ASN A 166 17.76 -10.66 -12.84
C ASN A 166 17.79 -10.16 -11.40
N GLY A 167 16.65 -9.69 -10.89
CA GLY A 167 16.56 -9.18 -9.58
C GLY A 167 16.24 -10.22 -8.51
N THR A 168 15.50 -9.75 -7.49
CA THR A 168 15.31 -10.51 -6.28
C THR A 168 13.88 -11.01 -6.08
N VAL A 169 12.91 -10.20 -6.45
CA VAL A 169 11.52 -10.54 -6.17
C VAL A 169 11.02 -11.38 -7.36
N HIS A 170 10.78 -12.68 -7.14
CA HIS A 170 10.25 -13.57 -8.19
C HIS A 170 8.78 -13.24 -8.55
N ALA A 171 8.53 -13.06 -9.84
CA ALA A 171 7.23 -12.67 -10.36
C ALA A 171 6.94 -13.31 -11.69
N GLY A 172 5.70 -13.69 -11.93
CA GLY A 172 5.34 -14.38 -13.17
C GLY A 172 3.85 -14.66 -13.13
N PRO A 173 3.35 -15.30 -14.15
CA PRO A 173 1.92 -15.53 -14.17
C PRO A 173 1.47 -16.52 -13.12
N ARG A 174 0.41 -16.13 -12.43
CA ARG A 174 -0.35 -17.12 -11.66
C ARG A 174 -0.89 -18.21 -12.56
N ASP A 175 -0.65 -19.44 -12.16
CA ASP A 175 -1.07 -20.61 -12.94
C ASP A 175 -1.30 -21.79 -11.95
N THR A 176 -2.55 -22.03 -11.61
CA THR A 176 -2.94 -23.05 -10.65
C THR A 176 -2.89 -24.41 -11.31
N GLY A 177 -2.68 -24.47 -12.62
CA GLY A 177 -2.63 -25.75 -13.28
C GLY A 177 -3.94 -26.15 -13.90
N ASP A 178 -4.96 -25.28 -13.78
CA ASP A 178 -6.20 -25.44 -14.50
C ASP A 178 -6.08 -24.88 -15.91
N ASP A 179 -7.06 -25.17 -16.73
CA ASP A 179 -7.21 -24.33 -17.93
C ASP A 179 -7.65 -22.96 -17.48
N TYR A 180 -7.32 -21.99 -18.34
CA TYR A 180 -7.74 -20.61 -18.11
C TYR A 180 -9.20 -20.37 -18.57
N SER A 181 -9.95 -19.68 -17.74
CA SER A 181 -11.27 -19.21 -18.05
C SER A 181 -11.36 -18.24 -19.23
N PRO A 182 -12.30 -18.48 -20.18
CA PRO A 182 -12.54 -17.53 -21.27
C PRO A 182 -13.14 -16.21 -20.78
N ILE A 183 -13.56 -16.11 -19.51
CA ILE A 183 -14.15 -14.87 -18.99
C ILE A 183 -13.19 -13.69 -19.05
N VAL A 184 -11.89 -13.96 -18.90
CA VAL A 184 -10.92 -12.86 -18.96
C VAL A 184 -10.92 -12.24 -20.35
N LYS A 185 -10.79 -13.05 -21.42
CA LYS A 185 -10.96 -12.52 -22.77
C LYS A 185 -12.37 -11.93 -23.01
N ALA A 186 -13.39 -12.54 -22.41
CA ALA A 186 -14.75 -11.94 -22.54
C ALA A 186 -14.81 -10.51 -22.00
N LEU A 187 -14.20 -10.23 -20.85
CA LEU A 187 -14.17 -8.90 -20.32
C LEU A 187 -13.40 -7.94 -21.24
N MET A 188 -12.32 -8.42 -21.77
CA MET A 188 -11.56 -7.64 -22.75
CA MET A 188 -11.56 -7.63 -22.75
C MET A 188 -12.43 -7.25 -23.94
N SER A 189 -13.10 -8.23 -24.52
CA SER A 189 -14.00 -7.97 -25.67
C SER A 189 -15.13 -6.97 -25.33
N ALA A 190 -15.75 -7.11 -24.16
CA ALA A 190 -16.80 -6.19 -23.73
C ALA A 190 -16.31 -4.80 -23.61
N VAL A 191 -15.11 -4.55 -23.07
CA VAL A 191 -14.69 -3.19 -22.95
C VAL A 191 -14.14 -2.69 -24.35
N GLU A 192 -13.60 -3.61 -25.11
CA GLU A 192 -13.18 -3.21 -26.50
C GLU A 192 -14.38 -2.69 -27.30
N ASP A 193 -15.57 -3.25 -27.09
CA ASP A 193 -16.81 -2.73 -27.69
C ASP A 193 -17.09 -1.25 -27.41
N ARG A 194 -16.59 -0.73 -26.29
CA ARG A 194 -16.79 0.61 -25.84
C ARG A 194 -15.58 1.46 -26.11
N GLY A 195 -14.62 0.97 -26.88
CA GLY A 195 -13.45 1.73 -27.24
C GLY A 195 -12.33 1.77 -26.21
N VAL A 196 -12.29 0.75 -25.31
CA VAL A 196 -11.36 0.76 -24.13
C VAL A 196 -10.25 -0.17 -24.52
N PRO A 197 -9.01 0.20 -24.26
CA PRO A 197 -7.93 -0.75 -24.65
C PRO A 197 -7.89 -2.00 -23.75
N THR A 198 -7.17 -2.99 -24.28
CA THR A 198 -6.91 -4.25 -23.65
C THR A 198 -5.45 -4.71 -23.85
N LYS A 199 -4.99 -5.45 -22.81
CA LYS A 199 -3.70 -6.15 -22.75
CA LYS A 199 -3.70 -6.14 -22.80
C LYS A 199 -2.48 -5.24 -22.62
N LYS A 200 -2.69 -3.94 -22.42
CA LYS A 200 -1.59 -3.02 -22.12
CA LYS A 200 -1.56 -3.07 -22.13
C LYS A 200 -0.83 -3.61 -20.92
N ASP A 201 0.50 -3.60 -21.00
CA ASP A 201 1.33 -4.13 -19.96
C ASP A 201 1.29 -3.13 -18.78
N PHE A 202 0.58 -3.51 -17.71
CA PHE A 202 0.44 -2.62 -16.59
C PHE A 202 1.76 -2.26 -15.81
N GLY A 203 2.90 -2.81 -16.21
CA GLY A 203 4.18 -2.48 -15.64
C GLY A 203 4.94 -1.42 -16.48
N CYS A 204 4.35 -0.94 -17.60
CA CYS A 204 5.13 -0.06 -18.55
C CYS A 204 4.99 1.46 -18.30
N GLY A 205 4.02 1.91 -17.49
CA GLY A 205 3.79 3.36 -17.34
C GLY A 205 2.43 3.89 -17.71
N ASP A 206 1.60 3.06 -18.33
CA ASP A 206 0.27 3.50 -18.74
C ASP A 206 -0.80 2.45 -18.38
N PRO A 207 -1.18 2.38 -17.10
CA PRO A 207 -2.10 1.35 -16.69
C PRO A 207 -3.54 1.74 -16.99
N HIS A 208 -4.04 1.24 -18.09
CA HIS A 208 -5.35 1.59 -18.65
C HIS A 208 -5.95 0.44 -19.47
N GLY A 209 -7.20 0.11 -19.20
CA GLY A 209 -7.90 -0.92 -19.91
C GLY A 209 -7.88 -2.20 -19.12
N VAL A 210 -8.21 -3.30 -19.79
CA VAL A 210 -8.35 -4.58 -19.10
C VAL A 210 -7.17 -5.42 -19.47
N SER A 211 -6.39 -5.78 -18.47
CA SER A 211 -5.24 -6.70 -18.75
C SER A 211 -5.11 -7.73 -17.68
N MET A 212 -4.40 -8.80 -18.01
CA MET A 212 -3.87 -9.72 -16.97
C MET A 212 -2.56 -9.12 -16.45
N PHE A 213 -1.88 -9.81 -15.55
CA PHE A 213 -0.70 -9.29 -14.94
C PHE A 213 0.16 -10.36 -14.26
N PRO A 214 1.47 -10.07 -14.02
CA PRO A 214 2.26 -10.96 -13.16
C PRO A 214 1.76 -10.92 -11.74
N ASN A 215 2.15 -11.94 -10.99
CA ASN A 215 2.00 -12.06 -9.59
C ASN A 215 3.37 -12.34 -8.91
N THR A 216 3.46 -11.96 -7.63
CA THR A 216 4.69 -12.17 -6.82
C THR A 216 4.69 -13.63 -6.32
N LEU A 217 5.14 -14.52 -7.17
CA LEU A 217 5.25 -15.93 -6.86
C LEU A 217 6.39 -16.52 -7.68
N HIS A 218 7.01 -17.57 -7.13
CA HIS A 218 8.01 -18.32 -7.80
C HIS A 218 7.38 -19.15 -8.93
N GLU A 219 8.18 -19.68 -9.83
CA GLU A 219 7.64 -20.45 -10.96
C GLU A 219 6.70 -21.62 -10.48
N ASP A 220 7.04 -22.22 -9.34
CA ASP A 220 6.33 -23.32 -8.74
C ASP A 220 5.10 -22.79 -7.98
N GLN A 221 4.82 -21.46 -8.05
CA GLN A 221 3.63 -20.83 -7.51
C GLN A 221 3.67 -20.50 -6.00
N VAL A 222 4.81 -20.73 -5.32
CA VAL A 222 4.98 -20.29 -3.94
C VAL A 222 5.05 -18.73 -3.87
N ARG A 223 4.25 -18.20 -2.97
CA ARG A 223 4.24 -16.76 -2.70
C ARG A 223 5.65 -16.21 -2.45
N SER A 224 5.96 -15.15 -3.18
CA SER A 224 7.21 -14.46 -3.03
C SER A 224 7.12 -13.44 -1.97
N ASP A 225 6.90 -13.86 -0.73
CA ASP A 225 6.75 -12.88 0.33
C ASP A 225 8.14 -12.27 0.58
N ALA A 226 8.19 -11.04 1.11
CA ALA A 226 9.44 -10.35 1.33
C ALA A 226 10.48 -11.06 2.20
N ALA A 227 10.03 -11.85 3.14
CA ALA A 227 10.90 -12.66 3.94
C ALA A 227 11.52 -13.77 3.08
N ARG A 228 10.71 -14.55 2.34
CA ARG A 228 11.21 -15.56 1.43
C ARG A 228 12.21 -14.93 0.44
N GLU A 229 11.93 -13.70 -0.04
CA GLU A 229 12.75 -13.13 -1.13
C GLU A 229 14.06 -12.45 -0.64
N TRP A 230 13.96 -11.77 0.51
CA TRP A 230 15.04 -10.91 1.05
C TRP A 230 15.71 -11.37 2.31
N LEU A 231 15.07 -12.25 3.10
CA LEU A 231 15.64 -12.73 4.36
C LEU A 231 16.14 -14.15 4.27
N LEU A 232 15.30 -15.01 3.75
CA LEU A 232 15.64 -16.43 3.68
C LEU A 232 16.99 -16.68 2.95
N PRO A 233 17.31 -15.94 1.87
CA PRO A 233 18.63 -16.18 1.25
C PRO A 233 19.78 -15.67 2.08
N ASN A 234 19.52 -14.72 2.97
CA ASN A 234 20.57 -13.90 3.56
C ASN A 234 20.72 -14.06 5.09
N TYR A 235 19.89 -14.92 5.72
CA TYR A 235 19.83 -14.88 7.19
C TYR A 235 21.10 -15.33 7.86
N GLN A 236 21.99 -16.01 7.15
CA GLN A 236 23.30 -16.46 7.71
C GLN A 236 24.35 -15.36 7.84
N ARG A 237 24.06 -14.19 7.29
CA ARG A 237 24.91 -13.05 7.52
C ARG A 237 25.00 -12.77 9.02
N PRO A 238 26.21 -12.78 9.57
CA PRO A 238 26.33 -12.51 11.03
C PRO A 238 26.00 -11.08 11.42
N ASN A 239 26.15 -10.16 10.48
CA ASN A 239 25.77 -8.78 10.65
C ASN A 239 24.25 -8.48 10.54
N LEU A 240 23.42 -9.51 10.29
CA LEU A 240 21.98 -9.36 10.14
C LEU A 240 21.30 -10.12 11.25
N GLN A 241 20.67 -9.40 12.20
CA GLN A 241 20.00 -9.99 13.33
C GLN A 241 18.51 -9.61 13.22
N VAL A 242 17.67 -10.58 13.59
CA VAL A 242 16.21 -10.39 13.56
C VAL A 242 15.58 -10.83 14.86
N LEU A 243 14.92 -9.90 15.58
CA LEU A 243 14.24 -10.23 16.83
C LEU A 243 12.73 -10.27 16.51
N THR A 244 12.05 -11.36 16.87
CA THR A 244 10.72 -11.59 16.56
C THR A 244 9.92 -11.54 17.84
N GLY A 245 8.60 -11.37 17.68
CA GLY A 245 7.67 -11.40 18.82
C GLY A 245 7.70 -10.15 19.71
N GLN A 246 8.25 -9.01 19.24
CA GLN A 246 8.35 -7.85 20.05
C GLN A 246 7.91 -6.61 19.23
N TYR A 247 7.24 -5.70 19.91
CA TYR A 247 6.87 -4.39 19.31
C TYR A 247 7.85 -3.27 19.69
N VAL A 248 8.25 -2.53 18.65
CA VAL A 248 8.94 -1.26 18.87
C VAL A 248 7.91 -0.29 19.37
N GLY A 249 8.17 0.29 20.53
CA GLY A 249 7.23 1.18 21.16
C GLY A 249 7.52 2.61 20.91
N LYS A 250 8.79 2.98 20.94
CA LYS A 250 9.13 4.38 20.65
C LYS A 250 10.63 4.47 20.33
N VAL A 251 10.99 5.62 19.76
CA VAL A 251 12.35 5.93 19.37
C VAL A 251 12.90 6.68 20.62
N LEU A 252 14.13 6.32 20.98
CA LEU A 252 14.85 7.04 22.04
C LEU A 252 15.55 8.25 21.42
N LEU A 253 15.36 9.46 22.00
CA LEU A 253 15.95 10.70 21.50
C LEU A 253 16.98 11.26 22.50
N SER A 254 18.16 11.59 22.02
CA SER A 254 19.19 12.30 22.77
CA SER A 254 19.15 12.33 22.79
C SER A 254 19.24 13.69 22.20
N GLN A 255 19.18 14.65 23.06
CA GLN A 255 18.83 15.96 22.67
C GLN A 255 20.08 16.75 22.74
N ASN A 256 21.01 16.35 21.85
CA ASN A 256 22.27 17.03 21.65
C ASN A 256 22.59 17.10 20.13
N GLY A 257 22.87 18.28 19.52
CA GLY A 257 23.01 19.61 20.18
C GLY A 257 21.85 20.59 19.92
N THR A 258 21.88 21.30 18.79
CA THR A 258 20.66 22.03 18.42
C THR A 258 19.44 21.10 18.06
N THR A 259 19.70 19.86 17.62
CA THR A 259 18.64 18.96 17.18
C THR A 259 18.65 17.63 17.92
N PRO A 260 17.47 17.11 18.17
CA PRO A 260 17.31 15.76 18.66
C PRO A 260 17.89 14.70 17.69
N ARG A 261 18.55 13.70 18.29
CA ARG A 261 19.15 12.58 17.60
C ARG A 261 18.50 11.27 18.07
N ALA A 262 18.11 10.43 17.11
CA ALA A 262 17.53 9.11 17.41
C ALA A 262 18.71 8.23 17.75
N VAL A 263 18.77 7.75 19.00
CA VAL A 263 19.87 6.90 19.43
C VAL A 263 19.55 5.41 19.63
N GLY A 264 18.28 5.05 19.52
CA GLY A 264 17.85 3.65 19.68
C GLY A 264 16.35 3.58 19.70
N VAL A 265 15.83 2.42 20.15
CA VAL A 265 14.39 2.25 20.40
C VAL A 265 14.15 1.52 21.70
N GLU A 266 12.97 1.71 22.21
CA GLU A 266 12.41 0.90 23.26
C GLU A 266 11.52 -0.10 22.64
N PHE A 267 11.55 -1.35 23.13
CA PHE A 267 10.69 -2.41 22.60
C PHE A 267 10.21 -3.33 23.69
N GLY A 268 9.15 -4.06 23.40
CA GLY A 268 8.50 -4.89 24.41
C GLY A 268 7.14 -5.37 23.95
N THR A 269 6.40 -5.97 24.89
CA THR A 269 5.02 -6.43 24.62
C THR A 269 4.01 -5.89 25.65
N HIS A 270 4.49 -5.30 26.74
CA HIS A 270 3.59 -4.67 27.69
C HIS A 270 4.36 -3.62 28.47
N LYS A 271 3.65 -2.60 28.91
CA LYS A 271 4.19 -1.58 29.81
C LYS A 271 4.83 -2.24 31.01
N GLY A 272 5.97 -1.71 31.38
CA GLY A 272 6.67 -2.20 32.52
C GLY A 272 7.55 -3.39 32.25
N ASN A 273 7.56 -3.93 31.04
CA ASN A 273 8.57 -4.91 30.69
C ASN A 273 9.15 -4.61 29.31
N THR A 274 9.91 -3.54 29.27
CA THR A 274 10.50 -3.07 28.04
C THR A 274 12.02 -3.15 28.12
N HIS A 275 12.66 -2.98 26.99
CA HIS A 275 14.10 -2.94 26.90
C HIS A 275 14.51 -1.91 25.86
N ASN A 276 15.74 -1.47 25.99
CA ASN A 276 16.32 -0.52 25.02
C ASN A 276 17.37 -1.27 24.22
N VAL A 277 17.50 -0.87 22.96
CA VAL A 277 18.61 -1.21 22.08
C VAL A 277 18.96 0.03 21.25
N TYR A 278 20.26 0.18 20.94
CA TYR A 278 20.81 1.45 20.47
C TYR A 278 21.37 1.29 19.06
N ALA A 279 21.31 2.38 18.31
CA ALA A 279 21.82 2.49 16.96
C ALA A 279 22.95 3.56 16.89
N LYS A 280 24.09 3.13 16.37
CA LYS A 280 25.25 3.97 16.14
C LYS A 280 25.02 4.92 14.98
N HIS A 281 24.33 4.43 13.93
CA HIS A 281 23.98 5.26 12.79
C HIS A 281 22.55 5.79 12.82
N GLU A 282 21.55 4.91 12.55
CA GLU A 282 20.19 5.40 12.39
C GLU A 282 19.14 4.44 12.89
N VAL A 283 18.01 5.01 13.27
CA VAL A 283 16.76 4.26 13.43
C VAL A 283 15.91 4.48 12.16
N LEU A 284 15.38 3.39 11.66
CA LEU A 284 14.58 3.30 10.44
C LEU A 284 13.21 2.66 10.76
N LEU A 285 12.12 3.44 10.57
CA LEU A 285 10.78 3.03 10.87
C LEU A 285 10.10 2.42 9.63
N ALA A 286 9.72 1.13 9.79
CA ALA A 286 9.15 0.35 8.69
C ALA A 286 8.01 -0.58 9.18
N ALA A 287 7.21 -0.06 10.10
CA ALA A 287 6.17 -0.83 10.77
C ALA A 287 4.83 -0.75 10.10
N GLY A 288 4.80 -0.06 8.98
CA GLY A 288 3.62 0.08 8.15
C GLY A 288 2.92 1.39 8.32
N SER A 289 2.11 1.76 7.36
CA SER A 289 1.47 3.09 7.37
C SER A 289 0.56 3.34 8.55
N ALA A 290 0.00 2.27 9.16
CA ALA A 290 -0.82 2.48 10.33
C ALA A 290 -0.03 2.69 11.59
N VAL A 291 1.25 2.35 11.57
CA VAL A 291 1.99 2.13 12.79
C VAL A 291 3.18 3.07 12.96
N SER A 292 3.96 3.25 11.92
CA SER A 292 5.13 4.14 12.02
C SER A 292 4.78 5.56 12.50
N PRO A 293 3.69 6.17 11.98
CA PRO A 293 3.26 7.46 12.59
C PRO A 293 3.00 7.42 14.09
N THR A 294 2.43 6.34 14.56
CA THR A 294 2.15 6.22 16.02
C THR A 294 3.46 6.07 16.80
N ILE A 295 4.43 5.36 16.24
CA ILE A 295 5.72 5.22 16.85
C ILE A 295 6.35 6.61 17.02
N LEU A 296 6.23 7.47 16.01
CA LEU A 296 6.74 8.86 16.16
C LEU A 296 6.00 9.60 17.30
N GLU A 297 4.68 9.50 17.26
CA GLU A 297 3.87 10.19 18.29
C GLU A 297 4.24 9.76 19.71
N TYR A 298 4.38 8.46 19.91
CA TYR A 298 4.74 7.94 21.26
C TYR A 298 6.08 8.50 21.70
N SER A 299 6.93 8.83 20.72
CA SER A 299 8.23 9.35 20.95
C SER A 299 8.32 10.84 21.18
N GLY A 300 7.23 11.58 21.03
CA GLY A 300 7.26 13.03 21.12
C GLY A 300 7.44 13.74 19.80
N ILE A 301 7.25 13.02 18.68
CA ILE A 301 7.34 13.61 17.36
C ILE A 301 5.98 13.53 16.70
N GLY A 302 5.32 14.66 16.66
CA GLY A 302 3.93 14.72 16.26
C GLY A 302 3.34 16.05 16.55
N MET A 303 2.01 16.16 16.35
CA MET A 303 1.34 17.45 16.52
CA MET A 303 1.28 17.42 16.51
C MET A 303 1.07 17.78 17.99
N LYS A 304 1.52 18.95 18.41
CA LYS A 304 1.27 19.44 19.76
C LYS A 304 -0.19 19.32 20.13
N SER A 305 -1.12 19.63 19.23
CA SER A 305 -2.57 19.55 19.61
C SER A 305 -3.04 18.12 19.88
N ILE A 306 -2.26 17.10 19.47
CA ILE A 306 -2.55 15.70 19.78
C ILE A 306 -1.74 15.23 20.99
N LEU A 307 -0.44 15.50 21.00
CA LEU A 307 0.47 14.95 22.01
C LEU A 307 0.22 15.57 23.42
N GLU A 308 0.00 16.88 23.44
CA GLU A 308 -0.05 17.59 24.74
C GLU A 308 -1.22 17.11 25.61
N PRO A 309 -2.42 16.93 25.02
CA PRO A 309 -3.54 16.43 25.86
C PRO A 309 -3.34 15.00 26.31
N LEU A 310 -2.45 14.23 25.67
CA LEU A 310 -2.17 12.93 26.10
C LEU A 310 -1.07 12.85 27.12
N GLY A 311 -0.48 13.98 27.41
CA GLY A 311 0.67 14.07 28.33
C GLY A 311 2.04 13.67 27.78
N ILE A 312 2.19 13.81 26.47
CA ILE A 312 3.45 13.60 25.83
C ILE A 312 4.09 14.94 25.52
N ASP A 313 5.35 15.05 25.84
CA ASP A 313 6.14 16.23 25.52
C ASP A 313 6.40 16.29 24.00
N THR A 314 5.93 17.35 23.34
CA THR A 314 6.19 17.49 21.93
C THR A 314 7.62 17.97 21.71
N VAL A 315 8.51 17.04 21.34
CA VAL A 315 9.93 17.36 21.11
C VAL A 315 10.12 17.96 19.72
N VAL A 316 9.43 17.41 18.74
CA VAL A 316 9.37 17.95 17.37
C VAL A 316 7.94 17.99 16.89
N ASP A 317 7.46 19.18 16.58
CA ASP A 317 6.06 19.40 16.20
C ASP A 317 5.92 19.26 14.66
N LEU A 318 5.29 18.15 14.25
CA LEU A 318 5.04 17.87 12.84
C LEU A 318 3.65 17.28 12.70
N PRO A 319 3.01 17.47 11.54
CA PRO A 319 1.69 16.92 11.26
C PRO A 319 1.72 15.38 10.95
N VAL A 320 2.27 14.66 11.92
CA VAL A 320 2.37 13.21 11.88
C VAL A 320 0.96 12.59 11.95
N GLY A 321 0.68 11.66 11.03
CA GLY A 321 -0.57 10.88 11.04
C GLY A 321 -1.63 11.47 10.19
N LEU A 322 -1.44 12.69 9.65
CA LEU A 322 -2.42 13.28 8.71
C LEU A 322 -2.16 12.78 7.28
N ASN A 323 -3.01 13.18 6.36
CA ASN A 323 -2.87 12.87 4.93
C ASN A 323 -3.07 11.39 4.64
N LEU A 324 -3.81 10.68 5.50
CA LEU A 324 -4.00 9.21 5.31
C LEU A 324 -4.91 9.01 4.13
N GLN A 325 -4.46 8.22 3.20
CA GLN A 325 -5.15 7.96 1.93
C GLN A 325 -5.31 6.45 1.71
N ASP A 326 -6.50 5.93 2.01
CA ASP A 326 -6.91 4.58 1.65
C ASP A 326 -8.11 4.61 0.74
N GLN A 327 -8.26 3.56 -0.08
CA GLN A 327 -9.43 3.44 -0.97
C GLN A 327 -10.58 2.55 -0.42
N THR A 328 -11.80 2.71 -0.94
CA THR A 328 -12.96 1.93 -0.63
C THR A 328 -13.19 0.86 -1.69
N THR A 329 -13.49 -0.37 -1.25
CA THR A 329 -13.75 -1.44 -2.12
C THR A 329 -15.16 -2.03 -1.94
N ALA A 330 -15.85 -2.26 -3.07
CA ALA A 330 -17.13 -2.93 -3.07
C ALA A 330 -17.12 -4.07 -4.11
N THR A 331 -18.11 -4.96 -4.01
CA THR A 331 -18.15 -6.17 -4.79
C THR A 331 -19.40 -6.31 -5.67
N VAL A 332 -19.15 -6.75 -6.91
CA VAL A 332 -20.18 -7.25 -7.78
C VAL A 332 -19.80 -8.66 -8.20
N ARG A 333 -20.69 -9.58 -7.96
CA ARG A 333 -20.43 -11.03 -8.20
C ARG A 333 -21.63 -11.64 -8.88
N SER A 334 -21.34 -12.49 -9.86
CA SER A 334 -22.33 -13.17 -10.66
C SER A 334 -21.95 -14.64 -10.74
N ARG A 335 -22.95 -15.52 -10.80
CA ARG A 335 -22.74 -16.90 -11.21
C ARG A 335 -22.42 -16.96 -12.68
N ILE A 336 -21.75 -18.03 -13.06
CA ILE A 336 -21.33 -18.26 -14.42
C ILE A 336 -21.82 -19.58 -14.95
N THR A 337 -21.87 -19.71 -16.28
CA THR A 337 -22.19 -20.99 -16.92
C THR A 337 -20.99 -21.90 -16.82
N SER A 338 -21.21 -23.19 -17.08
CA SER A 338 -20.12 -24.16 -16.98
C SER A 338 -19.02 -23.88 -17.99
N ALA A 339 -19.39 -23.35 -19.13
CA ALA A 339 -18.40 -22.97 -20.15
C ALA A 339 -17.41 -21.85 -19.69
N GLY A 340 -17.80 -21.04 -18.69
CA GLY A 340 -16.91 -20.13 -18.01
C GLY A 340 -15.85 -20.69 -17.09
N ALA A 341 -15.80 -22.02 -16.89
CA ALA A 341 -14.89 -22.65 -15.99
C ALA A 341 -13.45 -22.33 -16.31
N GLY A 342 -12.66 -22.27 -15.27
CA GLY A 342 -11.21 -22.13 -15.39
C GLY A 342 -10.66 -21.06 -14.47
N GLN A 343 -9.34 -21.01 -14.43
CA GLN A 343 -8.65 -20.00 -13.61
C GLN A 343 -8.47 -18.67 -14.36
N GLY A 344 -8.13 -17.63 -13.57
CA GLY A 344 -7.73 -16.34 -14.11
C GLY A 344 -8.22 -15.10 -13.40
N GLN A 345 -7.29 -14.13 -13.28
CA GLN A 345 -7.60 -12.80 -12.84
C GLN A 345 -7.27 -11.80 -13.92
N ALA A 346 -7.94 -10.67 -13.88
CA ALA A 346 -7.59 -9.54 -14.69
C ALA A 346 -8.15 -8.30 -13.99
N ALA A 347 -7.78 -7.11 -14.51
CA ALA A 347 -8.33 -5.91 -13.98
C ALA A 347 -8.55 -4.87 -15.06
N TRP A 348 -9.65 -4.13 -14.93
CA TRP A 348 -9.90 -2.90 -15.68
C TRP A 348 -9.38 -1.71 -14.85
N PHE A 349 -8.34 -1.07 -15.38
CA PHE A 349 -7.93 0.25 -14.89
C PHE A 349 -8.72 1.27 -15.72
N ALA A 350 -9.78 1.83 -15.13
CA ALA A 350 -10.78 2.64 -15.84
C ALA A 350 -10.58 4.13 -15.59
N THR A 351 -10.55 4.90 -16.66
CA THR A 351 -10.32 6.36 -16.55
C THR A 351 -11.52 7.02 -15.92
N PHE A 352 -11.40 8.29 -15.64
CA PHE A 352 -12.51 9.07 -15.02
C PHE A 352 -13.79 9.02 -15.86
N ASN A 353 -13.66 9.22 -17.17
CA ASN A 353 -14.81 9.12 -18.08
C ASN A 353 -15.36 7.71 -18.27
N GLU A 354 -14.49 6.70 -18.26
CA GLU A 354 -14.97 5.33 -18.34
C GLU A 354 -15.78 5.00 -17.11
N THR A 355 -15.33 5.50 -15.96
CA THR A 355 -15.99 5.27 -14.68
C THR A 355 -17.37 5.89 -14.61
N PHE A 356 -17.44 7.18 -14.91
CA PHE A 356 -18.66 7.99 -14.82
C PHE A 356 -19.61 7.86 -15.99
N GLY A 357 -19.16 7.42 -17.17
CA GLY A 357 -20.06 7.30 -18.30
C GLY A 357 -20.85 8.63 -18.58
N ASP A 358 -22.17 8.54 -18.55
CA ASP A 358 -23.06 9.67 -18.83
C ASP A 358 -23.06 10.68 -17.71
N TYR A 359 -22.49 10.36 -16.56
CA TYR A 359 -22.33 11.35 -15.51
C TYR A 359 -21.03 12.15 -15.61
N SER A 360 -20.26 11.90 -16.64
CA SER A 360 -18.94 12.49 -16.83
CA SER A 360 -18.91 12.48 -16.72
C SER A 360 -18.90 14.01 -16.72
N GLU A 361 -19.79 14.63 -17.47
CA GLU A 361 -19.84 16.11 -17.55
C GLU A 361 -20.13 16.63 -16.19
N LYS A 362 -21.09 16.06 -15.49
CA LYS A 362 -21.36 16.53 -14.16
C LYS A 362 -20.22 16.31 -13.17
N ALA A 363 -19.56 15.16 -13.29
CA ALA A 363 -18.45 14.86 -12.41
C ALA A 363 -17.27 15.81 -12.69
N HIS A 364 -17.01 16.08 -13.97
CA HIS A 364 -16.00 17.06 -14.34
C HIS A 364 -16.33 18.47 -13.78
N GLU A 365 -17.61 18.86 -13.77
CA GLU A 365 -18.06 20.17 -13.22
C GLU A 365 -17.68 20.28 -11.74
N LEU A 366 -17.88 19.17 -10.97
CA LEU A 366 -17.51 19.14 -9.56
C LEU A 366 -16.00 19.26 -9.42
N LEU A 367 -15.27 18.54 -10.26
CA LEU A 367 -13.80 18.59 -10.25
C LEU A 367 -13.27 20.00 -10.58
N ASN A 368 -14.01 20.73 -11.40
CA ASN A 368 -13.58 22.06 -11.83
C ASN A 368 -13.91 23.12 -10.80
N THR A 369 -14.91 22.90 -9.95
CA THR A 369 -15.40 23.98 -9.12
C THR A 369 -15.36 23.81 -7.61
N LYS A 370 -15.14 22.60 -7.10
CA LYS A 370 -15.34 22.40 -5.70
C LYS A 370 -14.06 22.17 -4.97
N LEU A 371 -12.91 22.32 -5.63
CA LEU A 371 -11.67 21.85 -4.98
C LEU A 371 -11.35 22.57 -3.66
N GLU A 372 -11.59 23.86 -3.68
CA GLU A 372 -11.24 24.71 -2.54
C GLU A 372 -12.18 24.36 -1.34
N GLN A 373 -13.46 24.21 -1.62
CA GLN A 373 -14.45 23.80 -0.62
C GLN A 373 -14.04 22.45 -0.03
N TRP A 374 -13.67 21.51 -0.90
CA TRP A 374 -13.33 20.16 -0.41
C TRP A 374 -12.13 20.12 0.48
N ALA A 375 -11.13 20.94 0.13
CA ALA A 375 -9.92 21.03 0.93
C ALA A 375 -10.19 21.65 2.27
N GLU A 376 -10.94 22.71 2.28
CA GLU A 376 -11.42 23.31 3.55
C GLU A 376 -12.16 22.30 4.44
N GLU A 377 -13.05 21.52 3.82
CA GLU A 377 -13.82 20.58 4.59
C GLU A 377 -12.95 19.45 5.16
N ALA A 378 -12.03 18.96 4.32
CA ALA A 378 -11.13 17.90 4.77
C ALA A 378 -10.26 18.39 5.91
N VAL A 379 -9.76 19.63 5.80
CA VAL A 379 -8.93 20.20 6.88
C VAL A 379 -9.76 20.36 8.17
N ALA A 380 -11.03 20.79 8.05
CA ALA A 380 -11.88 20.98 9.25
C ALA A 380 -12.14 19.67 9.90
N ARG A 381 -12.14 18.57 9.15
CA ARG A 381 -12.29 17.20 9.73
C ARG A 381 -10.97 16.61 10.31
N GLY A 382 -9.86 17.34 10.31
CA GLY A 382 -8.62 16.85 10.89
C GLY A 382 -7.86 15.90 9.95
N GLY A 383 -8.24 15.82 8.69
CA GLY A 383 -7.48 14.99 7.74
C GLY A 383 -6.18 15.60 7.21
N PHE A 384 -6.02 16.89 7.41
CA PHE A 384 -4.88 17.61 6.91
C PHE A 384 -4.88 18.97 7.56
N HIS A 385 -3.73 19.60 7.68
CA HIS A 385 -3.66 20.78 8.50
C HIS A 385 -3.61 22.05 7.63
N ASN A 386 -3.03 21.98 6.43
CA ASN A 386 -2.84 23.20 5.59
C ASN A 386 -3.75 23.17 4.34
N THR A 387 -4.77 24.01 4.31
CA THR A 387 -5.70 24.03 3.18
C THR A 387 -5.08 24.30 1.82
N THR A 388 -4.15 25.23 1.77
CA THR A 388 -3.44 25.59 0.54
C THR A 388 -2.70 24.36 -0.01
N ALA A 389 -1.95 23.67 0.84
CA ALA A 389 -1.15 22.53 0.40
C ALA A 389 -2.05 21.36 -0.01
N LEU A 390 -3.20 21.21 0.61
CA LEU A 390 -4.17 20.20 0.20
C LEU A 390 -4.75 20.54 -1.14
N LEU A 391 -5.04 21.81 -1.37
CA LEU A 391 -5.57 22.24 -2.68
C LEU A 391 -4.59 21.90 -3.81
N ILE A 392 -3.28 21.98 -3.54
CA ILE A 392 -2.30 21.60 -4.49
C ILE A 392 -2.42 20.10 -4.83
N GLN A 393 -2.58 19.26 -3.79
CA GLN A 393 -2.71 17.82 -4.03
C GLN A 393 -3.91 17.60 -4.94
N TYR A 394 -4.99 18.32 -4.67
CA TYR A 394 -6.19 18.14 -5.41
C TYR A 394 -6.06 18.64 -6.88
N GLU A 395 -5.45 19.82 -7.09
CA GLU A 395 -5.11 20.28 -8.41
C GLU A 395 -4.21 19.30 -9.11
N ASN A 396 -3.29 18.69 -8.39
CA ASN A 396 -2.47 17.57 -8.96
C ASN A 396 -3.36 16.42 -9.51
N TYR A 397 -4.35 15.99 -8.71
CA TYR A 397 -5.24 14.91 -9.13
C TYR A 397 -6.04 15.36 -10.37
N ARG A 398 -6.48 16.59 -10.28
CA ARG A 398 -7.22 17.07 -11.46
C ARG A 398 -6.27 17.24 -12.64
N ASP A 399 -5.15 17.53 -12.60
CA ASP A 399 -4.18 17.46 -13.69
C ASP A 399 -4.00 16.03 -14.23
N TRP A 400 -3.84 15.05 -13.32
CA TRP A 400 -3.77 13.65 -13.70
C TRP A 400 -4.98 13.21 -14.59
N ILE A 401 -6.14 13.55 -14.11
CA ILE A 401 -7.39 13.17 -14.69
C ILE A 401 -7.58 13.88 -16.05
N VAL A 402 -7.42 15.19 -16.09
CA VAL A 402 -7.80 15.98 -17.25
C VAL A 402 -6.68 16.04 -18.26
N ASN A 403 -5.44 16.18 -17.81
CA ASN A 403 -4.33 16.33 -18.75
C ASN A 403 -3.55 15.06 -19.06
N HIS A 404 -3.72 14.01 -18.26
CA HIS A 404 -3.04 12.75 -18.49
C HIS A 404 -3.99 11.58 -18.58
N ASN A 405 -5.28 11.76 -18.29
CA ASN A 405 -6.28 10.72 -18.35
C ASN A 405 -5.82 9.43 -17.64
N VAL A 406 -5.36 9.59 -16.41
CA VAL A 406 -4.97 8.42 -15.63
C VAL A 406 -6.19 7.59 -15.18
N ALA A 407 -5.90 6.31 -14.90
CA ALA A 407 -6.93 5.43 -14.40
C ALA A 407 -7.39 6.02 -13.05
N TYR A 408 -8.72 6.14 -12.93
CA TYR A 408 -9.45 6.68 -11.79
C TYR A 408 -10.05 5.53 -10.91
N SER A 409 -10.44 4.42 -11.51
CA SER A 409 -10.93 3.27 -10.76
C SER A 409 -10.37 1.96 -11.27
N GLU A 410 -10.42 0.95 -10.39
CA GLU A 410 -9.97 -0.41 -10.74
C GLU A 410 -11.07 -1.43 -10.44
N LEU A 411 -11.42 -2.18 -11.50
CA LEU A 411 -12.43 -3.24 -11.43
C LEU A 411 -11.63 -4.55 -11.57
N PHE A 412 -11.43 -5.23 -10.43
CA PHE A 412 -10.52 -6.38 -10.33
C PHE A 412 -11.38 -7.66 -10.43
N LEU A 413 -11.17 -8.43 -11.48
CA LEU A 413 -11.90 -9.66 -11.79
C LEU A 413 -11.21 -10.93 -11.27
N ASP A 414 -11.94 -11.70 -10.50
CA ASP A 414 -11.62 -13.09 -10.21
C ASP A 414 -12.59 -13.96 -10.97
N THR A 415 -12.07 -15.13 -11.36
CA THR A 415 -12.88 -16.15 -12.03
C THR A 415 -12.92 -17.42 -11.16
N ALA A 416 -12.34 -18.55 -11.61
CA ALA A 416 -12.29 -19.77 -10.80
C ALA A 416 -13.63 -20.18 -10.21
N GLY A 417 -14.65 -20.18 -11.06
CA GLY A 417 -16.00 -20.61 -10.73
C GLY A 417 -17.10 -19.56 -10.56
N VAL A 418 -16.73 -18.29 -10.61
CA VAL A 418 -17.68 -17.19 -10.52
C VAL A 418 -17.12 -16.10 -11.41
N ALA A 419 -17.85 -14.99 -11.56
CA ALA A 419 -17.29 -13.75 -12.13
C ALA A 419 -17.44 -12.73 -11.04
N SER A 420 -16.33 -12.39 -10.39
CA SER A 420 -16.41 -11.52 -9.18
C SER A 420 -15.46 -10.37 -9.33
N PHE A 421 -16.00 -9.16 -9.20
CA PHE A 421 -15.23 -7.92 -9.22
C PHE A 421 -15.12 -7.32 -7.81
N ASP A 422 -13.91 -6.98 -7.40
CA ASP A 422 -13.72 -6.08 -6.31
C ASP A 422 -13.34 -4.80 -6.97
N VAL A 423 -14.00 -3.73 -6.57
CA VAL A 423 -13.99 -2.47 -7.29
C VAL A 423 -13.61 -1.35 -6.37
N TRP A 424 -12.67 -0.50 -6.78
CA TRP A 424 -12.28 0.66 -5.96
C TRP A 424 -11.90 1.87 -6.78
N ASP A 425 -12.39 3.02 -6.31
CA ASP A 425 -11.94 4.35 -6.75
C ASP A 425 -10.48 4.55 -6.22
N LEU A 426 -9.56 4.61 -7.17
CA LEU A 426 -8.12 4.67 -6.89
C LEU A 426 -7.65 5.97 -6.28
N LEU A 427 -8.34 7.07 -6.63
CA LEU A 427 -7.92 8.44 -6.32
C LEU A 427 -8.93 9.16 -5.40
N PRO A 428 -8.93 8.72 -4.12
CA PRO A 428 -9.80 9.42 -3.21
C PRO A 428 -9.30 10.89 -2.92
N PHE A 429 -10.24 11.83 -2.86
CA PHE A 429 -9.98 13.16 -2.40
C PHE A 429 -10.08 13.26 -0.86
N THR A 430 -10.81 12.35 -0.19
CA THR A 430 -10.87 12.40 1.22
C THR A 430 -9.43 12.31 1.77
N ARG A 431 -9.20 12.89 2.94
CA ARG A 431 -7.95 12.70 3.67
C ARG A 431 -8.31 12.36 5.11
N GLY A 432 -7.70 11.28 5.63
CA GLY A 432 -7.91 10.90 7.02
C GLY A 432 -6.68 11.09 7.87
N TYR A 433 -6.74 10.47 9.06
CA TYR A 433 -5.67 10.56 10.02
C TYR A 433 -5.55 9.21 10.79
N VAL A 434 -4.37 9.02 11.36
CA VAL A 434 -4.20 8.13 12.49
C VAL A 434 -3.48 8.88 13.65
N HIS A 435 -4.02 8.77 14.86
CA HIS A 435 -3.39 9.31 16.02
C HIS A 435 -3.55 8.33 17.18
N ILE A 436 -2.52 8.33 17.98
CA ILE A 436 -2.57 7.67 19.28
C ILE A 436 -3.62 8.28 20.15
N LEU A 437 -4.18 7.46 21.04
CA LEU A 437 -5.21 7.88 22.03
C LEU A 437 -4.75 7.66 23.49
N ASP A 438 -3.50 7.23 23.69
CA ASP A 438 -2.93 6.94 25.04
C ASP A 438 -1.46 7.05 24.83
N LYS A 439 -0.70 7.27 25.89
CA LYS A 439 0.73 7.35 25.76
C LYS A 439 1.48 6.02 25.85
N ASP A 440 0.82 4.95 26.26
CA ASP A 440 1.52 3.68 26.45
C ASP A 440 1.53 3.01 25.07
N PRO A 441 2.72 2.89 24.45
CA PRO A 441 2.71 2.21 23.15
C PRO A 441 2.11 0.82 23.13
N TYR A 442 2.30 0.08 24.20
CA TYR A 442 2.00 -1.35 24.23
C TYR A 442 0.49 -1.55 24.48
N LEU A 443 -0.27 -0.50 24.82
CA LEU A 443 -1.72 -0.61 24.90
C LEU A 443 -2.35 -0.66 23.48
N HIS A 444 -1.67 -0.14 22.48
CA HIS A 444 -2.16 -0.18 21.08
C HIS A 444 -3.58 0.45 20.93
N HIS A 445 -3.73 1.58 21.57
CA HIS A 445 -4.99 2.34 21.59
C HIS A 445 -4.84 3.55 20.67
N PHE A 446 -5.51 3.53 19.52
CA PHE A 446 -5.27 4.54 18.53
C PHE A 446 -6.54 4.73 17.71
N ALA A 447 -6.68 5.93 17.13
CA ALA A 447 -7.82 6.32 16.28
C ALA A 447 -7.33 6.36 14.82
N TYR A 448 -7.69 5.35 14.04
CA TYR A 448 -7.30 5.27 12.62
C TYR A 448 -8.58 5.59 11.85
N ASP A 449 -8.63 6.76 11.23
CA ASP A 449 -9.85 7.24 10.62
C ASP A 449 -9.60 7.62 9.13
N PRO A 450 -9.85 6.68 8.17
CA PRO A 450 -9.60 7.06 6.74
C PRO A 450 -10.64 8.05 6.16
N GLN A 451 -11.76 8.29 6.86
CA GLN A 451 -12.80 9.26 6.45
C GLN A 451 -13.37 8.87 5.07
N TYR A 452 -13.48 7.55 4.84
CA TYR A 452 -14.13 6.99 3.67
C TYR A 452 -15.45 7.69 3.42
N PHE A 453 -15.65 8.05 2.16
CA PHE A 453 -16.88 8.65 1.60
C PHE A 453 -17.25 10.02 2.18
N LEU A 454 -16.32 10.69 2.88
CA LEU A 454 -16.65 12.00 3.44
C LEU A 454 -16.36 13.13 2.42
N ASN A 455 -15.74 12.76 1.30
CA ASN A 455 -15.67 13.62 0.15
C ASN A 455 -16.68 13.12 -0.89
N GLU A 456 -17.51 14.01 -1.39
CA GLU A 456 -18.61 13.59 -2.22
C GLU A 456 -18.23 12.87 -3.55
N LEU A 457 -17.15 13.32 -4.19
CA LEU A 457 -16.71 12.74 -5.42
C LEU A 457 -16.21 11.28 -5.20
N ASP A 458 -15.71 10.96 -4.00
CA ASP A 458 -15.25 9.63 -3.72
C ASP A 458 -16.46 8.69 -3.68
N LEU A 459 -17.56 9.17 -3.11
CA LEU A 459 -18.78 8.37 -3.05
C LEU A 459 -19.42 8.24 -4.47
N LEU A 460 -19.50 9.36 -5.18
CA LEU A 460 -19.97 9.33 -6.54
C LEU A 460 -19.12 8.41 -7.42
N GLY A 461 -17.79 8.53 -7.33
CA GLY A 461 -16.85 7.69 -8.12
C GLY A 461 -16.98 6.24 -7.79
N GLN A 462 -16.94 5.93 -6.51
CA GLN A 462 -17.12 4.51 -6.08
C GLN A 462 -18.43 3.91 -6.63
N ALA A 463 -19.51 4.66 -6.46
CA ALA A 463 -20.84 4.20 -6.91
C ALA A 463 -20.85 3.97 -8.43
N ALA A 464 -20.30 4.90 -9.20
CA ALA A 464 -20.26 4.80 -10.64
C ALA A 464 -19.42 3.60 -11.07
N ALA A 465 -18.27 3.39 -10.40
CA ALA A 465 -17.36 2.25 -10.69
C ALA A 465 -18.03 0.90 -10.40
N THR A 466 -18.75 0.84 -9.28
CA THR A 466 -19.35 -0.44 -8.89
C THR A 466 -20.57 -0.74 -9.80
N GLN A 467 -21.35 0.30 -10.13
CA GLN A 467 -22.38 0.19 -11.12
C GLN A 467 -21.79 -0.27 -12.45
N LEU A 468 -20.65 0.27 -12.83
CA LEU A 468 -20.01 -0.13 -14.09
C LEU A 468 -19.63 -1.59 -14.05
N ALA A 469 -19.20 -2.13 -12.90
CA ALA A 469 -18.83 -3.57 -12.82
C ALA A 469 -20.05 -4.43 -13.02
N ARG A 470 -21.20 -4.03 -12.47
CA ARG A 470 -22.45 -4.74 -12.81
C ARG A 470 -22.74 -4.64 -14.32
N ASN A 471 -22.62 -3.42 -14.84
CA ASN A 471 -22.95 -3.22 -16.23
C ASN A 471 -22.12 -4.11 -17.12
N ILE A 472 -20.80 -4.14 -16.87
CA ILE A 472 -19.90 -4.83 -17.79
C ILE A 472 -20.07 -6.40 -17.65
N SER A 473 -20.54 -6.87 -16.49
CA SER A 473 -20.69 -8.28 -16.18
C SER A 473 -21.79 -8.90 -17.03
N ASN A 474 -22.71 -8.07 -17.54
CA ASN A 474 -23.74 -8.56 -18.45
C ASN A 474 -23.74 -7.78 -19.78
N SER A 475 -22.57 -7.44 -20.32
CA SER A 475 -22.42 -6.78 -21.60
C SER A 475 -21.61 -7.56 -22.59
N GLY A 476 -22.00 -7.50 -23.88
CA GLY A 476 -21.16 -8.12 -24.91
C GLY A 476 -20.83 -9.58 -24.62
N ALA A 477 -19.57 -9.93 -24.75
CA ALA A 477 -19.15 -11.31 -24.64
C ALA A 477 -19.36 -11.84 -23.21
N MET A 478 -19.35 -10.95 -22.23
CA MET A 478 -19.68 -11.36 -20.82
C MET A 478 -21.03 -12.08 -20.71
N GLN A 479 -21.97 -11.77 -21.63
CA GLN A 479 -23.30 -12.38 -21.55
C GLN A 479 -23.22 -13.82 -21.89
N THR A 480 -22.12 -14.28 -22.51
CA THR A 480 -21.91 -15.72 -22.75
C THR A 480 -21.90 -16.51 -21.45
N TYR A 481 -21.34 -15.93 -20.40
CA TYR A 481 -21.19 -16.62 -19.16
C TYR A 481 -22.08 -16.17 -18.03
N PHE A 482 -22.68 -14.97 -18.10
CA PHE A 482 -23.41 -14.41 -16.99
C PHE A 482 -24.62 -15.29 -16.67
N ALA A 483 -24.72 -15.73 -15.42
CA ALA A 483 -25.83 -16.60 -15.07
C ALA A 483 -26.59 -16.12 -13.87
N GLY A 484 -26.54 -14.82 -13.65
CA GLY A 484 -27.34 -14.18 -12.58
C GLY A 484 -26.47 -13.58 -11.53
N GLU A 485 -26.83 -12.38 -11.07
CA GLU A 485 -26.00 -11.62 -10.15
C GLU A 485 -26.26 -12.12 -8.74
N THR A 486 -25.21 -12.37 -7.96
CA THR A 486 -25.43 -12.82 -6.61
C THR A 486 -25.04 -11.79 -5.58
N ILE A 487 -24.25 -10.77 -5.94
CA ILE A 487 -23.91 -9.65 -5.06
C ILE A 487 -23.81 -8.43 -5.95
N PRO A 488 -24.58 -7.36 -5.73
CA PRO A 488 -25.60 -7.19 -4.66
C PRO A 488 -26.77 -8.17 -4.71
N GLY A 489 -27.15 -8.64 -5.91
CA GLY A 489 -28.21 -9.63 -6.01
C GLY A 489 -29.48 -8.97 -5.50
N ASP A 490 -30.19 -9.69 -4.63
CA ASP A 490 -31.43 -9.20 -4.08
C ASP A 490 -31.23 -7.95 -3.23
N ASN A 491 -30.01 -7.65 -2.82
CA ASN A 491 -29.83 -6.43 -2.00
C ASN A 491 -29.90 -5.10 -2.75
N LEU A 492 -29.93 -5.13 -4.07
CA LEU A 492 -30.01 -3.84 -4.81
C LEU A 492 -30.63 -4.11 -6.14
N ALA A 493 -31.74 -3.44 -6.43
CA ALA A 493 -32.42 -3.63 -7.70
C ALA A 493 -31.41 -3.62 -8.85
N TYR A 494 -31.52 -4.57 -9.77
CA TYR A 494 -30.63 -4.72 -10.90
C TYR A 494 -30.61 -3.53 -11.79
N ASP A 495 -31.70 -2.76 -11.81
CA ASP A 495 -31.76 -1.54 -12.62
C ASP A 495 -31.46 -0.28 -11.81
N ALA A 496 -30.85 -0.40 -10.63
CA ALA A 496 -30.53 0.75 -9.77
C ALA A 496 -29.78 1.83 -10.54
N ASP A 497 -30.15 3.10 -10.31
CA ASP A 497 -29.39 4.20 -10.93
C ASP A 497 -28.25 4.63 -10.05
N LEU A 498 -27.55 5.66 -10.49
CA LEU A 498 -26.40 6.14 -9.73
C LEU A 498 -26.74 6.62 -8.30
N SER A 499 -27.81 7.43 -8.10
CA SER A 499 -28.21 7.78 -6.73
C SER A 499 -28.46 6.57 -5.85
N ALA A 500 -29.16 5.56 -6.37
CA ALA A 500 -29.47 4.38 -5.61
C ALA A 500 -28.15 3.67 -5.23
N TRP A 501 -27.19 3.57 -6.17
CA TRP A 501 -25.84 3.07 -5.83
C TRP A 501 -25.17 3.91 -4.75
N THR A 502 -25.29 5.27 -4.77
CA THR A 502 -24.64 6.09 -3.70
C THR A 502 -25.27 5.83 -2.34
N GLU A 503 -26.55 5.47 -2.32
CA GLU A 503 -27.18 5.06 -1.04
C GLU A 503 -26.77 3.66 -0.57
N TYR A 504 -26.55 2.74 -1.49
CA TYR A 504 -26.13 1.36 -1.15
C TYR A 504 -24.66 1.27 -0.68
N ILE A 505 -23.78 1.97 -1.38
CA ILE A 505 -22.32 1.77 -1.20
C ILE A 505 -21.73 1.94 0.22
N PRO A 506 -22.21 2.95 0.98
CA PRO A 506 -21.69 3.12 2.36
C PRO A 506 -21.95 1.96 3.29
N TYR A 507 -22.94 1.13 2.94
CA TYR A 507 -23.25 -0.09 3.72
C TYR A 507 -22.68 -1.41 3.14
N HIS A 508 -21.95 -1.35 2.02
CA HIS A 508 -21.44 -2.52 1.34
C HIS A 508 -20.02 -2.28 0.82
N PHE A 509 -19.11 -1.85 1.66
CA PHE A 509 -17.74 -1.67 1.25
C PHE A 509 -16.80 -2.13 2.32
N ARG A 510 -15.54 -2.29 1.94
CA ARG A 510 -14.44 -2.54 2.86
C ARG A 510 -13.26 -1.62 2.59
N PRO A 511 -12.40 -1.40 3.62
CA PRO A 511 -11.13 -0.79 3.29
C PRO A 511 -10.43 -1.57 2.19
N ASN A 512 -9.62 -0.88 1.34
CA ASN A 512 -8.83 -1.57 0.37
C ASN A 512 -7.46 -1.98 0.92
N TYR A 513 -7.08 -1.52 2.12
CA TYR A 513 -5.77 -1.91 2.75
C TYR A 513 -4.56 -1.39 1.91
N HIS A 514 -4.73 -0.25 1.24
CA HIS A 514 -3.68 0.42 0.50
C HIS A 514 -3.29 1.74 1.14
N GLY A 515 -3.44 1.86 2.47
CA GLY A 515 -3.23 3.11 3.17
C GLY A 515 -1.81 3.68 3.03
N VAL A 516 -1.71 4.91 2.52
CA VAL A 516 -0.45 5.64 2.47
C VAL A 516 -0.61 7.02 3.03
N GLY A 517 0.53 7.67 3.23
CA GLY A 517 0.55 9.11 3.46
C GLY A 517 0.69 9.66 4.87
N THR A 518 0.68 8.80 5.85
CA THR A 518 0.69 9.19 7.25
C THR A 518 1.99 9.81 7.76
N CYS A 519 3.11 9.58 7.10
CA CYS A 519 4.34 10.35 7.28
C CYS A 519 4.80 10.82 5.91
N SER A 520 3.99 11.68 5.27
CA SER A 520 4.20 11.98 3.87
C SER A 520 5.61 12.53 3.51
N MET A 521 6.18 11.98 2.44
CA MET A 521 7.40 12.53 1.84
CA MET A 521 7.42 12.52 1.84
C MET A 521 7.01 13.73 0.96
N MET A 522 7.14 14.91 1.52
CA MET A 522 6.90 16.14 0.78
C MET A 522 7.49 17.25 1.61
N PRO A 523 7.63 18.45 1.03
CA PRO A 523 8.23 19.51 1.90
C PRO A 523 7.47 19.79 3.21
N LYS A 524 8.21 20.16 4.25
CA LYS A 524 7.63 20.46 5.52
C LYS A 524 6.47 21.47 5.40
N GLU A 525 6.67 22.48 4.55
CA GLU A 525 5.67 23.53 4.44
C GLU A 525 4.41 23.09 3.70
N MET A 526 4.52 22.00 2.93
CA MET A 526 3.38 21.38 2.34
C MET A 526 2.67 20.38 3.24
N GLY A 527 3.08 20.24 4.51
CA GLY A 527 2.59 19.23 5.40
C GLY A 527 3.33 17.91 5.51
N GLY A 528 4.59 17.90 5.04
CA GLY A 528 5.41 16.73 4.99
C GLY A 528 5.98 16.33 6.33
N VAL A 529 6.29 15.03 6.47
CA VAL A 529 6.95 14.54 7.67
C VAL A 529 8.39 14.15 7.39
N VAL A 530 8.67 13.68 6.14
CA VAL A 530 10.02 13.35 5.73
C VAL A 530 10.46 14.02 4.41
N ASP A 531 11.77 14.20 4.29
CA ASP A 531 12.39 14.80 3.10
C ASP A 531 12.61 13.73 2.05
N ASN A 532 13.29 14.10 0.95
CA ASN A 532 13.39 13.25 -0.20
C ASN A 532 14.39 12.12 0.01
N ALA A 533 15.06 12.10 1.16
CA ALA A 533 15.84 10.95 1.61
C ALA A 533 15.13 10.20 2.74
N ALA A 534 13.86 10.53 3.00
CA ALA A 534 13.03 9.87 4.00
C ALA A 534 13.48 10.22 5.43
N LYS A 535 14.22 11.32 5.62
CA LYS A 535 14.63 11.72 6.96
C LYS A 535 13.54 12.51 7.59
N VAL A 536 13.26 12.22 8.83
CA VAL A 536 12.23 13.00 9.54
C VAL A 536 12.74 14.43 9.84
N TYR A 537 11.90 15.41 9.54
CA TYR A 537 12.29 16.80 9.72
C TYR A 537 12.60 17.09 11.20
N GLY A 538 13.77 17.68 11.41
CA GLY A 538 14.20 18.20 12.70
C GLY A 538 14.71 17.14 13.66
N VAL A 539 14.97 15.92 13.13
CA VAL A 539 15.57 14.82 13.87
C VAL A 539 16.76 14.24 13.09
N GLN A 540 17.87 14.03 13.79
CA GLN A 540 19.00 13.37 13.19
C GLN A 540 18.88 11.85 13.35
N GLY A 541 19.32 11.13 12.32
CA GLY A 541 19.45 9.68 12.37
C GLY A 541 18.14 8.90 12.53
N LEU A 542 17.07 9.47 11.97
CA LEU A 542 15.71 8.90 11.99
C LEU A 542 15.07 9.02 10.60
N ARG A 543 14.68 7.88 10.02
CA ARG A 543 13.94 7.83 8.78
C ARG A 543 12.65 7.03 8.95
N VAL A 544 11.61 7.40 8.19
CA VAL A 544 10.45 6.58 8.02
C VAL A 544 10.49 6.18 6.55
N ILE A 545 10.44 4.88 6.27
CA ILE A 545 10.84 4.37 4.95
C ILE A 545 9.80 3.50 4.25
N ASP A 546 8.60 3.40 4.84
CA ASP A 546 7.60 2.38 4.48
C ASP A 546 6.41 3.07 3.76
N GLY A 547 5.29 2.36 3.66
CA GLY A 547 4.10 2.92 3.03
C GLY A 547 3.46 4.13 3.70
N SER A 548 4.01 4.59 4.83
CA SER A 548 3.59 5.85 5.44
C SER A 548 3.98 7.02 4.52
N ILE A 549 5.01 6.82 3.68
CA ILE A 549 5.68 7.96 3.00
C ILE A 549 5.19 8.48 1.64
N PRO A 550 4.52 7.65 0.82
CA PRO A 550 3.99 8.17 -0.45
C PRO A 550 2.97 9.27 -0.19
N PRO A 551 3.16 10.47 -0.83
CA PRO A 551 2.27 11.59 -0.56
C PRO A 551 0.99 11.52 -1.31
N THR A 552 0.89 10.60 -2.27
CA THR A 552 -0.31 10.42 -3.08
C THR A 552 -0.66 8.96 -3.21
N GLN A 553 -1.89 8.67 -3.57
CA GLN A 553 -2.21 7.36 -4.15
C GLN A 553 -1.60 7.17 -5.57
N VAL A 554 -1.75 5.99 -6.12
CA VAL A 554 -1.21 5.66 -7.45
C VAL A 554 -2.20 4.77 -8.07
N SER A 555 -2.25 4.77 -9.40
CA SER A 555 -3.16 3.94 -10.10
C SER A 555 -2.44 2.58 -10.32
N SER A 556 -2.29 1.83 -9.24
CA SER A 556 -1.39 0.71 -9.24
C SER A 556 -1.59 -0.07 -8.00
N HIS A 557 -1.20 -1.33 -8.05
CA HIS A 557 -0.80 -2.05 -6.86
C HIS A 557 0.57 -1.60 -6.35
N VAL A 558 0.83 -1.57 -5.01
CA VAL A 558 1.93 -0.77 -4.49
C VAL A 558 3.26 -1.45 -4.31
N MET A 559 3.29 -2.79 -4.39
CA MET A 559 4.51 -3.53 -4.15
C MET A 559 5.61 -3.04 -5.06
N THR A 560 5.34 -2.93 -6.37
CA THR A 560 6.42 -2.47 -7.24
C THR A 560 7.10 -1.15 -6.74
N VAL A 561 6.30 -0.23 -6.20
CA VAL A 561 6.68 1.06 -5.75
C VAL A 561 7.45 0.91 -4.47
N PHE A 562 6.94 0.07 -3.57
CA PHE A 562 7.54 -0.05 -2.28
C PHE A 562 8.89 -0.78 -2.30
N TYR A 563 9.06 -1.81 -3.13
CA TYR A 563 10.39 -2.45 -3.25
C TYR A 563 11.37 -1.44 -3.87
N ALA A 564 10.91 -0.70 -4.86
CA ALA A 564 11.77 0.36 -5.49
C ALA A 564 12.22 1.44 -4.49
N MET A 565 11.28 1.91 -3.71
CA MET A 565 11.57 2.95 -2.74
C MET A 565 12.46 2.47 -1.59
N ALA A 566 12.30 1.23 -1.17
CA ALA A 566 13.21 0.64 -0.22
C ALA A 566 14.68 0.63 -0.69
N LEU A 567 14.89 0.16 -1.92
CA LEU A 567 16.23 0.17 -2.46
C LEU A 567 16.79 1.62 -2.66
N LYS A 568 15.93 2.54 -3.11
CA LYS A 568 16.37 3.93 -3.38
C LYS A 568 16.82 4.59 -2.04
N ILE A 569 16.01 4.45 -1.04
CA ILE A 569 16.31 4.94 0.29
C ILE A 569 17.53 4.27 0.87
N SER A 570 17.65 2.98 0.66
CA SER A 570 18.87 2.27 1.09
C SER A 570 20.16 2.83 0.51
N ASP A 571 20.13 3.23 -0.76
CA ASP A 571 21.30 3.92 -1.32
C ASP A 571 21.62 5.21 -0.63
N ALA A 572 20.59 5.98 -0.27
CA ALA A 572 20.79 7.25 0.43
C ALA A 572 21.37 6.98 1.78
N ILE A 573 20.83 6.00 2.47
CA ILE A 573 21.39 5.60 3.73
C ILE A 573 22.88 5.24 3.64
N LEU A 574 23.22 4.38 2.69
CA LEU A 574 24.59 3.93 2.48
C LEU A 574 25.53 5.08 2.05
N GLU A 575 25.01 6.04 1.28
CA GLU A 575 25.79 7.23 0.96
C GLU A 575 26.16 7.98 2.27
N ASP A 576 25.20 8.18 3.17
CA ASP A 576 25.51 8.84 4.44
C ASP A 576 26.49 7.98 5.28
N TYR A 577 26.38 6.66 5.23
CA TYR A 577 27.30 5.83 5.95
C TYR A 577 28.74 6.09 5.38
N ALA A 578 28.87 6.09 4.06
CA ALA A 578 30.17 6.26 3.39
C ALA A 578 30.75 7.64 3.67
N SER A 579 29.90 8.66 3.81
CA SER A 579 30.33 10.04 4.06
CA SER A 579 30.37 10.01 4.05
C SER A 579 30.85 10.22 5.47
N MET A 580 30.24 9.56 6.42
CA MET A 580 30.71 9.58 7.80
C MET A 580 31.09 8.14 8.12
N GLN A 581 32.31 7.76 7.64
CA GLN A 581 32.75 6.32 7.47
C GLN A 581 32.56 5.38 8.69
C1 NAG B . -24.36 8.22 13.26
C2 NAG B . -25.33 8.72 12.18
C3 NAG B . -25.68 10.22 12.40
C4 NAG B . -26.23 10.45 13.80
C5 NAG B . -25.26 9.86 14.81
C6 NAG B . -25.75 9.94 16.25
C7 NAG B . -25.13 7.65 10.01
C8 NAG B . -24.47 7.52 8.65
N2 NAG B . -24.71 8.58 10.85
O3 NAG B . -26.56 10.72 11.41
O4 NAG B . -26.16 11.85 14.04
O5 NAG B . -25.00 8.49 14.48
O6 NAG B . -24.73 9.39 17.14
O7 NAG B . -26.06 6.93 10.35
C1 NAG B . -27.37 12.41 14.42
C2 NAG B . -27.12 13.87 14.73
C3 NAG B . -28.49 14.50 15.08
C4 NAG B . -29.57 14.19 14.04
C5 NAG B . -29.60 12.68 13.71
C6 NAG B . -30.50 12.33 12.51
C7 NAG B . -25.94 13.72 17.01
C8 NAG B . -27.06 12.96 17.64
N2 NAG B . -26.01 14.12 15.69
O3 NAG B . -28.39 15.90 15.28
O4 NAG B . -30.83 14.54 14.63
O5 NAG B . -28.29 12.26 13.36
O6 NAG B . -30.66 10.88 12.34
O7 NAG B . -24.98 13.95 17.80
C1 BMA B . -31.42 15.69 13.99
C2 BMA B . -32.94 15.57 13.88
C3 BMA B . -33.51 16.80 13.11
C4 BMA B . -33.06 18.06 13.88
C5 BMA B . -31.52 18.05 13.98
C6 BMA B . -30.99 19.31 14.63
O2 BMA B . -33.40 15.42 15.22
O3 BMA B . -34.93 16.75 12.75
O4 BMA B . -33.48 19.26 13.22
O5 BMA B . -31.01 16.86 14.66
O6 BMA B . -29.58 19.14 14.85
C1 MAN B . -29.03 20.27 15.54
C2 MAN B . -27.52 20.25 15.34
C3 MAN B . -26.91 19.22 16.26
C4 MAN B . -27.30 19.49 17.70
C5 MAN B . -28.82 19.53 17.91
C6 MAN B . -29.37 19.99 19.29
O2 MAN B . -26.89 21.51 15.61
O3 MAN B . -25.49 19.22 16.04
O4 MAN B . -26.73 18.38 18.40
O5 MAN B . -29.42 20.37 16.92
O6 MAN B . -28.43 20.31 20.33
PA FAD C . 4.25 -4.06 5.96
O1A FAD C . 4.66 -4.94 4.82
O2A FAD C . 2.81 -3.97 6.47
O5B FAD C . 5.27 -4.30 7.13
C5B FAD C . 5.10 -3.65 8.40
C4B FAD C . 5.64 -4.67 9.39
O4B FAD C . 5.77 -4.18 10.73
C3B FAD C . 4.74 -5.92 9.53
O3B FAD C . 5.50 -7.15 9.44
C2B FAD C . 4.22 -5.82 10.97
O2B FAD C . 3.94 -6.98 11.74
C1B FAD C . 5.34 -5.10 11.72
N9A FAD C . 4.99 -4.27 12.86
C8A FAD C . 3.80 -3.58 13.06
N7A FAD C . 3.87 -2.86 14.19
C5A FAD C . 5.14 -3.06 14.69
C6A FAD C . 5.92 -2.54 15.79
N6A FAD C . 5.41 -1.66 16.67
N1A FAD C . 7.17 -3.03 15.96
C2A FAD C . 7.72 -3.91 15.14
N3A FAD C . 7.11 -4.39 14.07
C4A FAD C . 5.86 -3.97 13.83
N1 FAD C . 0.12 -4.92 -2.81
C2 FAD C . 0.29 -5.28 -4.14
O2 FAD C . 1.22 -4.74 -4.79
N3 FAD C . -0.58 -6.16 -4.71
C4 FAD C . -1.53 -6.82 -4.02
O4 FAD C . -2.26 -7.65 -4.59
C4X FAD C . -1.76 -6.40 -2.61
N5 FAD C . -2.77 -6.91 -1.86
C5X FAD C . -2.89 -6.61 -0.55
C6 FAD C . -3.88 -7.25 0.24
C7 FAD C . -4.04 -7.01 1.60
C7M FAD C . -5.09 -7.74 2.34
C8 FAD C . -3.10 -6.08 2.23
C8M FAD C . -3.23 -5.82 3.69
C9 FAD C . -2.16 -5.41 1.49
C9A FAD C . -1.98 -5.65 0.12
N10 FAD C . -0.93 -5.07 -0.69
C10 FAD C . -0.84 -5.43 -2.04
C1' FAD C . -0.06 -4.07 -0.18
C2' FAD C . 1.27 -4.42 0.29
O2' FAD C . 1.15 -5.74 0.79
C3' FAD C . 1.69 -3.45 1.40
O3' FAD C . 1.46 -2.15 0.92
C4' FAD C . 3.15 -3.61 1.77
O4' FAD C . 3.41 -4.96 2.26
C5' FAD C . 3.47 -2.50 2.77
O5' FAD C . 4.88 -2.47 3.02
P FAD C . 5.44 -1.87 4.36
O1P FAD C . 4.90 -0.44 4.33
O2P FAD C . 6.90 -2.31 4.50
O3P FAD C . 4.57 -2.49 5.62
O1 OXY D . -1.71 -2.28 -3.54
O2 OXY D . -1.98 -3.48 -3.75
C1 NAG E . 7.36 -1.96 -24.59
C2 NAG E . 6.28 -1.01 -25.22
C3 NAG E . 6.93 0.14 -25.95
C4 NAG E . 7.94 0.83 -25.01
C5 NAG E . 8.91 -0.18 -24.41
C6 NAG E . 9.92 0.53 -23.54
C7 NAG E . 4.16 -2.11 -25.76
C8 NAG E . 3.19 -2.74 -26.76
N2 NAG E . 5.35 -1.67 -26.16
O3 NAG E . 5.94 1.08 -26.39
O4 NAG E . 8.85 1.63 -25.76
O5 NAG E . 8.18 -1.13 -23.68
O6 NAG E . 9.21 1.15 -22.50
O7 NAG E . 3.90 -2.04 -24.58
C1 NAG F . -14.07 13.25 -20.81
C2 NAG F . -13.31 13.64 -22.07
C3 NAG F . -13.46 15.16 -22.31
C4 NAG F . -14.88 15.65 -22.35
C5 NAG F . -15.57 15.14 -21.07
C6 NAG F . -17.05 15.35 -21.25
C7 NAG F . -11.22 12.43 -22.37
C8 NAG F . -9.79 12.29 -21.90
N2 NAG F . -11.92 13.39 -21.80
O3 NAG F . -12.74 15.53 -23.48
O4 NAG F . -14.94 17.10 -22.31
O5 NAG F . -15.38 13.73 -20.81
O6 NAG F . -17.64 15.08 -19.99
O7 NAG F . -11.75 11.75 -23.26
C1 NAG G . 0.74 25.99 3.63
C2 NAG G . 2.07 26.55 4.11
C3 NAG G . 2.76 27.54 3.19
C4 NAG G . 2.81 26.94 1.79
C5 NAG G . 1.47 26.31 1.39
C6 NAG G . 1.60 25.50 0.12
C7 NAG G . 2.64 26.97 6.41
C8 NAG G . 2.14 27.53 7.73
N2 NAG G . 1.75 27.08 5.41
O3 NAG G . 4.11 27.81 3.61
O4 NAG G . 3.15 27.97 0.84
O5 NAG G . 0.95 25.41 2.39
O6 NAG G . 2.56 24.46 0.26
O7 NAG G . 3.80 26.48 6.20
C1 DIO H . 8.43 2.15 -11.34
C2 DIO H . 7.48 1.90 -9.18
C1' DIO H . 8.26 3.66 -11.31
C2' DIO H . 7.43 3.42 -9.08
O1 DIO H . 7.39 1.56 -10.53
O1' DIO H . 8.40 4.04 -9.94
C1 DIO I . -9.01 -18.16 -24.39
C2 DIO I . -9.65 -19.29 -22.36
C1' DIO I . -7.82 -19.14 -24.63
C2' DIO I . -8.42 -20.13 -22.62
O1 DIO I . -10.07 -18.87 -23.67
O1' DIO I . -7.38 -19.47 -23.33
C1 DIO J . -1.75 7.28 -26.85
C2 DIO J . -4.07 6.59 -26.74
C1' DIO J . -2.07 8.51 -26.06
C2' DIO J . -4.37 7.88 -25.98
O1 DIO J . -2.68 6.21 -26.59
O1' DIO J . -3.42 8.88 -26.44
C1 DIO K . 2.56 8.49 -21.84
C2 DIO K . 2.32 7.26 -19.83
C1' DIO K . 3.81 7.67 -22.19
C2' DIO K . 3.29 6.23 -20.43
O1 DIO K . 1.64 7.90 -20.90
O1' DIO K . 4.36 6.93 -21.07
C1 DIO L . -12.59 -14.41 -26.83
C2 DIO L . -13.63 -15.36 -24.82
C1' DIO L . -13.47 -13.19 -26.54
C2' DIO L . -14.95 -14.73 -25.25
O1 DIO L . -12.78 -15.53 -25.97
O1' DIO L . -14.69 -13.44 -25.82
C1 DIO M . -4.17 27.84 -2.76
C2 DIO M . -4.56 29.06 -4.74
C1' DIO M . -3.27 27.03 -3.65
C2' DIO M . -3.03 29.21 -4.55
O1 DIO M . -5.03 28.77 -3.44
O1' DIO M . -2.46 27.89 -4.45
C1 DIO N . -12.61 2.09 18.01
C2 DIO N . -10.51 1.11 18.42
C1' DIO N . -11.72 3.21 17.49
C2' DIO N . -10.17 2.45 19.07
O1 DIO N . -11.88 0.88 18.20
O1' DIO N . -10.71 3.60 18.40
C1 DIO O . -17.29 -0.38 6.69
C2 DIO O . -17.83 -1.94 8.30
C1' DIO O . -16.63 -1.45 5.83
C2' DIO O . -16.83 -2.94 7.69
O1 DIO O . -18.35 -1.00 7.36
O1' DIO O . -16.01 -2.48 6.60
C1 DIO P . -9.22 -17.00 -5.78
C2 DIO P . -9.46 -14.94 -4.38
C1' DIO P . -7.91 -16.43 -6.26
C2' DIO P . -8.09 -14.45 -4.85
O1 DIO P . -9.72 -16.33 -4.59
O1' DIO P . -7.31 -15.56 -5.27
C1 DIO Q . 9.90 -0.25 -16.13
C2 DIO Q . 10.49 0.44 -18.40
C1' DIO Q . 9.02 0.96 -16.08
C2' DIO Q . 9.41 1.51 -18.37
O1 DIO Q . 10.00 -0.56 -17.51
O1' DIO Q . 9.40 1.96 -17.02
C1 DIO R . -18.27 -22.79 -14.02
C2 DIO R . -19.34 -23.05 -11.95
C1' DIO R . -17.08 -23.60 -13.54
C2' DIO R . -18.11 -23.80 -11.41
O1 DIO R . -19.49 -23.19 -13.37
O1' DIO R . -16.89 -23.56 -12.15
C1 DIO S . -1.29 23.38 -9.90
C2 DIO S . 0.27 22.06 -8.65
C1' DIO S . -1.67 22.09 -10.61
C2' DIO S . -0.37 20.82 -9.21
O1 DIO S . -0.66 23.16 -8.65
O1' DIO S . -0.64 21.11 -10.59
C1 DIO T . -5.85 -28.31 -10.95
C2 DIO T . -7.66 -27.22 -11.90
C1' DIO T . -6.33 -27.80 -9.60
C2' DIO T . -8.06 -26.59 -10.56
O1 DIO T . -7.00 -28.47 -11.80
O1' DIO T . -6.90 -26.52 -9.70
C1 DIO U . 10.97 -15.82 26.64
C2 DIO U . 9.17 -14.36 26.20
C1' DIO U . 11.38 -14.76 27.66
C2' DIO U . 9.33 -13.61 27.51
O1 DIO U . 9.56 -15.73 26.39
O1' DIO U . 10.22 -14.30 28.35
C1 DIO V . 5.77 -25.66 -12.36
C2 DIO V . 6.53 -26.74 -10.34
C1' DIO V . 7.21 -25.88 -12.84
C2' DIO V . 7.83 -26.01 -10.58
O1 DIO V . 5.43 -26.15 -11.06
O1' DIO V . 8.18 -26.34 -11.90
C1 DIO W . -10.96 -8.84 -26.94
C2 DIO W . -9.95 -10.96 -26.67
C1' DIO W . -9.61 -8.15 -27.09
C2' DIO W . -8.59 -10.36 -26.94
O1 DIO W . -10.92 -10.17 -27.38
O1' DIO W . -8.59 -8.99 -26.50
C1 DIO X . 15.11 4.52 -16.61
C2 DIO X . 13.87 2.61 -17.31
C1' DIO X . 14.64 5.13 -17.94
C2' DIO X . 12.79 3.50 -17.91
O1 DIO X . 14.48 3.29 -16.20
O1' DIO X . 13.33 4.73 -18.39
C1 DIO Y . 13.91 -4.08 -19.46
C2 DIO Y . 15.59 -4.11 -17.86
C1' DIO Y . 14.65 -3.03 -20.25
C2' DIO Y . 16.16 -2.83 -18.49
O1 DIO Y . 14.89 -4.87 -18.85
O1' DIO Y . 15.17 -2.15 -19.27
N1 EPE Z . 9.19 20.89 25.26
C2 EPE Z . 10.06 20.94 24.06
C3 EPE Z . 11.08 19.87 24.34
N4 EPE Z . 11.66 19.94 25.72
C5 EPE Z . 10.79 20.36 26.87
C6 EPE Z . 9.92 21.49 26.40
C7 EPE Z . 12.37 18.68 26.03
C8 EPE Z . 13.82 19.08 26.22
O8 EPE Z . 14.02 19.47 27.60
C9 EPE Z . 7.87 21.54 25.15
C10 EPE Z . 6.87 21.12 24.07
S EPE Z . 5.54 22.20 24.06
O1S EPE Z . 5.90 23.45 23.32
O2S EPE Z . 5.09 22.59 25.39
O3S EPE Z . 4.42 21.38 23.49
#